data_1IT8
#
_entry.id   1IT8
#
_cell.length_a   100.467
_cell.length_b   100.467
_cell.length_c   366.168
_cell.angle_alpha   90.00
_cell.angle_beta   90.00
_cell.angle_gamma   90.00
#
_symmetry.space_group_name_H-M   'P 43 21 2'
#
loop_
_entity.id
_entity.type
_entity.pdbx_description
1 polymer 'archaeosine tRNA-guanine transglycosylase'
2 non-polymer 'ZINC ION'
3 non-polymer 'MAGNESIUM ION'
4 non-polymer 2-AMINO-4-OXO-4,7-DIHYDRO-3H-PYRROLO[2,3-D]PYRIMIDINE-5-CARBONITRILE
5 water water
#
_entity_poly.entity_id   1
_entity_poly.type   'polypeptide(L)'
_entity_poly.pdbx_seq_one_letter_code
;MSRGDKMLKFEIKARDGAGRIGKLEVNGKKIETPAIMPVVNPKQMVVEPKELEKMGFEIIITNSYIIYKDEELRRKALEL
GIHRMLDYNGIIEVDSGSFQLMKYGSIEVSNREIIEFQHRIGVDIGTFLDIPTPPDAPREQAVKELEITLSRAREAEEIK
EIPMNATIQGSTYTDLRRYAARRLSSMNFEIHPIGGVVPLLESYRFRDVVDIVISSKMALRPDRPVHLFGAGHPIVFALA
VAMGVDLFDSASYALYAKDDRYMTPEGTKRLDELDYFPCSCPVCSKYTPQELREMPKEERTRLLALHNLWVIKEEIKRVK
QAIKEGELWRLVDERARSHPKLYSAYKRLLEHYTFLEEFEPITKKSALFKISNESLRWPVVRRAKERAKSINERFGELVE
HPIFGRVSRYLSLTYPFAQSEAEDDFKIEKPTKEDAIKYVMAIAEYQFGEGASRAFDDAKVELSKTGMPRQVKVNGKRLA
TVRADDGLLTLGIEGAKRLHRVLPYPRMRVVVNKEAEPFARKGKDVFAKFVIFADPGIRPYDEVLVVNENDELLATGQAL
LSGREMIVFQYGRAVKVRKGVE
;
_entity_poly.pdbx_strand_id   A,B
#
# COMPACT_ATOMS: atom_id res chain seq x y z
N LYS A 6 -17.66 36.17 10.65
CA LYS A 6 -18.43 34.92 10.93
C LYS A 6 -17.81 34.16 12.10
N MET A 7 -18.42 33.03 12.45
CA MET A 7 -17.94 32.24 13.58
C MET A 7 -17.01 31.09 13.20
N LEU A 8 -16.88 30.85 11.89
CA LEU A 8 -16.02 29.78 11.39
C LEU A 8 -14.94 30.29 10.43
N LYS A 9 -13.69 30.04 10.77
CA LYS A 9 -12.56 30.43 9.92
C LYS A 9 -11.99 29.16 9.31
N PHE A 10 -11.41 29.27 8.12
CA PHE A 10 -10.83 28.11 7.45
C PHE A 10 -9.84 28.60 6.41
N GLU A 11 -8.59 28.19 6.54
CA GLU A 11 -7.58 28.61 5.57
C GLU A 11 -6.71 27.42 5.20
N ILE A 12 -6.14 27.47 4.00
CA ILE A 12 -5.29 26.40 3.50
C ILE A 12 -3.83 26.53 3.94
N LYS A 13 -3.25 25.43 4.42
CA LYS A 13 -1.88 25.46 4.88
C LYS A 13 -0.94 24.68 3.96
N ALA A 14 -1.44 23.59 3.39
CA ALA A 14 -0.64 22.79 2.48
C ALA A 14 -1.58 22.04 1.54
N ARG A 15 -1.09 21.67 0.37
CA ARG A 15 -1.94 20.97 -0.58
C ARG A 15 -1.24 20.06 -1.55
N ASP A 16 -2.06 19.27 -2.22
CA ASP A 16 -1.65 18.32 -3.24
C ASP A 16 -2.96 17.80 -3.84
N GLY A 17 -3.05 17.79 -5.16
CA GLY A 17 -4.28 17.38 -5.81
C GLY A 17 -5.32 18.41 -5.43
N ALA A 18 -6.59 18.03 -5.42
CA ALA A 18 -7.64 18.95 -5.02
C ALA A 18 -7.73 18.85 -3.49
N GLY A 19 -6.69 18.29 -2.89
CA GLY A 19 -6.67 18.12 -1.45
C GLY A 19 -5.97 19.25 -0.75
N ARG A 20 -6.23 19.37 0.55
CA ARG A 20 -5.61 20.41 1.32
C ARG A 20 -5.59 20.13 2.80
N ILE A 21 -4.51 20.54 3.45
CA ILE A 21 -4.37 20.44 4.89
C ILE A 21 -4.83 21.85 5.26
N GLY A 22 -5.80 21.97 6.16
CA GLY A 22 -6.29 23.28 6.52
C GLY A 22 -6.36 23.54 8.01
N LYS A 23 -6.52 24.81 8.36
CA LYS A 23 -6.63 25.24 9.73
C LYS A 23 -8.09 25.70 9.85
N LEU A 24 -8.86 25.03 10.71
CA LEU A 24 -10.28 25.34 10.91
C LEU A 24 -10.53 25.84 12.34
N GLU A 25 -11.11 27.04 12.47
CA GLU A 25 -11.40 27.59 13.78
C GLU A 25 -12.89 27.85 13.99
N VAL A 26 -13.46 27.17 14.97
CA VAL A 26 -14.88 27.30 15.31
C VAL A 26 -14.97 27.94 16.68
N ASN A 27 -15.54 29.13 16.74
CA ASN A 27 -15.69 29.86 18.00
C ASN A 27 -14.55 29.63 18.99
N GLY A 28 -13.32 29.92 18.56
CA GLY A 28 -12.19 29.77 19.47
C GLY A 28 -11.41 28.46 19.41
N LYS A 29 -12.08 27.37 19.04
CA LYS A 29 -11.43 26.08 18.97
C LYS A 29 -10.80 25.87 17.61
N LYS A 30 -9.49 25.59 17.58
CA LYS A 30 -8.80 25.37 16.32
C LYS A 30 -8.50 23.88 16.11
N ILE A 31 -8.64 23.41 14.87
CA ILE A 31 -8.41 22.02 14.54
C ILE A 31 -7.71 21.98 13.19
N GLU A 32 -6.93 20.95 12.91
CA GLU A 32 -6.27 20.85 11.61
C GLU A 32 -6.97 19.79 10.75
N THR A 33 -7.31 20.12 9.51
CA THR A 33 -7.95 19.12 8.67
C THR A 33 -6.90 18.63 7.67
N PRO A 34 -7.14 17.49 7.01
CA PRO A 34 -8.29 16.60 7.12
C PRO A 34 -8.40 16.03 8.53
N ALA A 35 -9.62 15.87 9.02
CA ALA A 35 -9.84 15.32 10.35
C ALA A 35 -11.00 14.38 10.25
N ILE A 36 -11.06 13.41 11.15
CA ILE A 36 -12.17 12.50 11.14
C ILE A 36 -12.80 12.58 12.52
N MET A 37 -14.09 12.87 12.58
CA MET A 37 -14.74 12.96 13.87
C MET A 37 -15.43 11.66 14.24
N PRO A 38 -14.94 11.03 15.30
CA PRO A 38 -15.51 9.77 15.79
C PRO A 38 -16.96 9.99 16.16
N VAL A 39 -17.81 9.02 15.81
CA VAL A 39 -19.22 9.13 16.12
C VAL A 39 -19.39 8.52 17.51
N VAL A 40 -19.99 9.27 18.43
CA VAL A 40 -20.21 8.76 19.77
C VAL A 40 -21.71 8.56 19.97
N ASN A 41 -22.07 7.39 20.45
CA ASN A 41 -23.47 7.06 20.71
C ASN A 41 -23.82 7.52 22.12
N PRO A 42 -24.87 8.36 22.26
CA PRO A 42 -25.35 8.91 23.53
C PRO A 42 -25.55 7.87 24.61
N LYS A 43 -26.15 6.75 24.22
CA LYS A 43 -26.41 5.65 25.14
C LYS A 43 -25.18 4.74 25.33
N GLN A 44 -24.93 3.83 24.38
CA GLN A 44 -23.77 2.93 24.48
C GLN A 44 -22.45 3.52 23.98
N MET A 45 -21.77 4.33 24.80
CA MET A 45 -20.50 4.92 24.38
C MET A 45 -19.38 3.90 24.54
N VAL A 46 -19.08 3.18 23.46
CA VAL A 46 -18.04 2.16 23.47
C VAL A 46 -16.71 2.68 23.97
N VAL A 47 -16.41 3.92 23.60
CA VAL A 47 -15.18 4.57 24.04
C VAL A 47 -15.61 5.92 24.57
N GLU A 48 -15.27 6.21 25.82
CA GLU A 48 -15.62 7.48 26.46
C GLU A 48 -15.06 8.68 25.72
N PRO A 49 -15.90 9.71 25.48
CA PRO A 49 -15.44 10.91 24.77
C PRO A 49 -14.14 11.44 25.40
N LYS A 50 -14.04 11.30 26.72
CA LYS A 50 -12.86 11.73 27.45
C LYS A 50 -11.61 11.02 26.91
N GLU A 51 -11.78 9.75 26.52
CA GLU A 51 -10.67 8.97 25.98
C GLU A 51 -10.36 9.34 24.53
N LEU A 52 -11.40 9.57 23.72
CA LEU A 52 -11.19 9.96 22.34
C LEU A 52 -10.35 11.21 22.39
N GLU A 53 -10.65 12.03 23.39
CA GLU A 53 -9.96 13.29 23.64
C GLU A 53 -8.46 13.07 23.85
N LYS A 54 -8.10 12.13 24.72
CA LYS A 54 -6.70 11.81 25.00
C LYS A 54 -6.00 11.27 23.75
N MET A 55 -6.72 10.43 23.01
CA MET A 55 -6.16 9.84 21.80
C MET A 55 -5.80 10.89 20.76
N GLY A 56 -6.42 12.06 20.86
CA GLY A 56 -6.12 13.11 19.91
C GLY A 56 -7.26 13.56 19.01
N PHE A 57 -8.48 13.14 19.33
CA PHE A 57 -9.62 13.54 18.52
C PHE A 57 -10.17 14.86 19.02
N GLU A 58 -9.87 15.93 18.30
CA GLU A 58 -10.31 17.25 18.69
C GLU A 58 -11.71 17.62 18.20
N ILE A 59 -12.39 16.67 17.59
CA ILE A 59 -13.73 16.91 17.10
C ILE A 59 -14.44 15.57 17.04
N ILE A 60 -15.65 15.52 17.58
CA ILE A 60 -16.45 14.31 17.59
C ILE A 60 -17.85 14.68 17.11
N ILE A 61 -18.75 13.71 17.01
CA ILE A 61 -20.09 14.03 16.57
C ILE A 61 -21.11 13.13 17.29
N THR A 62 -22.31 13.66 17.53
CA THR A 62 -23.35 12.86 18.19
C THR A 62 -24.69 13.17 17.56
N ASN A 63 -25.71 12.42 18.00
CA ASN A 63 -27.04 12.57 17.46
C ASN A 63 -27.97 13.45 18.30
N SER A 64 -28.26 14.65 17.81
CA SER A 64 -29.15 15.58 18.50
C SER A 64 -30.47 14.88 18.73
N TYR A 65 -30.95 14.28 17.65
CA TYR A 65 -32.21 13.58 17.66
C TYR A 65 -32.31 12.50 18.73
N ILE A 66 -31.40 11.54 18.73
CA ILE A 66 -31.44 10.48 19.74
C ILE A 66 -31.53 11.09 21.12
N ILE A 67 -30.72 12.12 21.37
CA ILE A 67 -30.71 12.81 22.65
C ILE A 67 -32.07 13.46 22.91
N TYR A 68 -32.55 14.22 21.93
CA TYR A 68 -33.83 14.90 22.04
C TYR A 68 -34.96 13.97 22.42
N LYS A 69 -34.97 12.77 21.83
CA LYS A 69 -36.01 11.79 22.09
C LYS A 69 -35.83 10.92 23.33
N ASP A 70 -34.73 11.13 24.06
CA ASP A 70 -34.51 10.32 25.26
C ASP A 70 -34.66 11.15 26.52
N GLU A 71 -35.61 10.75 27.36
CA GLU A 71 -35.89 11.42 28.62
C GLU A 71 -34.61 11.91 29.31
N GLU A 72 -33.80 10.97 29.78
CA GLU A 72 -32.56 11.28 30.48
C GLU A 72 -31.59 12.11 29.68
N LEU A 73 -31.18 11.61 28.52
CA LEU A 73 -30.22 12.33 27.67
C LEU A 73 -30.63 13.79 27.55
N ARG A 74 -31.90 14.01 27.24
CA ARG A 74 -32.46 15.34 27.06
C ARG A 74 -32.28 16.24 28.28
N ARG A 75 -32.72 15.78 29.45
CA ARG A 75 -32.59 16.56 30.67
C ARG A 75 -31.14 16.88 31.00
N LYS A 76 -30.26 15.92 30.76
CA LYS A 76 -28.83 16.09 31.02
C LYS A 76 -28.21 17.16 30.14
N ALA A 77 -28.54 17.09 28.84
CA ALA A 77 -28.03 18.03 27.85
C ALA A 77 -28.53 19.44 28.09
N LEU A 78 -29.77 19.56 28.57
CA LEU A 78 -30.36 20.86 28.86
C LEU A 78 -29.83 21.37 30.17
N GLU A 79 -29.35 20.43 30.98
CA GLU A 79 -28.86 20.77 32.29
C GLU A 79 -27.39 21.14 32.34
N LEU A 80 -26.56 20.52 31.49
CA LEU A 80 -25.13 20.78 31.52
C LEU A 80 -24.54 21.06 30.16
N GLY A 81 -25.31 20.80 29.10
CA GLY A 81 -24.81 21.01 27.76
C GLY A 81 -24.03 19.76 27.38
N ILE A 82 -23.91 19.46 26.08
CA ILE A 82 -23.19 18.26 25.66
C ILE A 82 -21.78 18.22 26.21
N HIS A 83 -21.10 19.35 26.20
CA HIS A 83 -19.74 19.41 26.70
C HIS A 83 -19.55 18.85 28.09
N ARG A 84 -20.34 19.30 29.06
CA ARG A 84 -20.19 18.75 30.41
C ARG A 84 -20.75 17.34 30.48
N MET A 85 -21.79 17.10 29.69
CA MET A 85 -22.47 15.81 29.64
C MET A 85 -21.58 14.68 29.12
N LEU A 86 -20.74 14.99 28.14
CA LEU A 86 -19.87 13.97 27.58
C LEU A 86 -18.48 14.14 28.16
N ASP A 87 -18.30 15.22 28.91
CA ASP A 87 -17.02 15.54 29.52
C ASP A 87 -15.94 15.49 28.43
N TYR A 88 -16.18 16.26 27.38
CA TYR A 88 -15.31 16.36 26.22
C TYR A 88 -15.21 17.87 26.00
N ASN A 89 -14.02 18.39 25.74
CA ASN A 89 -13.86 19.83 25.56
C ASN A 89 -13.53 20.34 24.18
N GLY A 90 -13.39 19.45 23.21
CA GLY A 90 -13.10 19.90 21.86
C GLY A 90 -14.38 20.29 21.15
N ILE A 91 -14.33 20.26 19.82
CA ILE A 91 -15.46 20.63 18.99
C ILE A 91 -16.49 19.51 18.94
N ILE A 92 -17.70 19.77 19.43
CA ILE A 92 -18.73 18.74 19.38
C ILE A 92 -19.70 19.09 18.27
N GLU A 93 -19.66 18.30 17.21
CA GLU A 93 -20.56 18.52 16.11
C GLU A 93 -21.76 17.66 16.45
N VAL A 94 -22.90 17.95 15.85
CA VAL A 94 -24.07 17.17 16.18
C VAL A 94 -24.90 16.99 14.92
N ASP A 95 -25.57 15.84 14.79
CA ASP A 95 -26.40 15.60 13.62
C ASP A 95 -27.86 15.83 13.94
N SER A 96 -28.65 16.03 12.90
CA SER A 96 -30.07 16.33 13.01
C SER A 96 -31.04 15.16 13.18
N GLY A 97 -30.67 14.02 12.66
CA GLY A 97 -31.55 12.87 12.72
C GLY A 97 -31.86 12.50 11.29
N SER A 98 -31.28 13.26 10.36
CA SER A 98 -31.48 13.02 8.93
C SER A 98 -31.16 11.57 8.59
N PHE A 99 -30.14 11.01 9.22
CA PHE A 99 -29.78 9.63 8.94
C PHE A 99 -30.92 8.73 9.38
N GLN A 100 -31.54 9.06 10.51
CA GLN A 100 -32.68 8.28 10.98
C GLN A 100 -33.78 8.45 9.93
N LEU A 101 -33.87 9.66 9.38
CA LEU A 101 -34.86 9.96 8.38
C LEU A 101 -34.64 9.16 7.10
N MET A 102 -33.39 8.78 6.85
CA MET A 102 -33.04 8.01 5.66
C MET A 102 -33.33 6.52 5.92
N LYS A 103 -32.89 6.02 7.07
CA LYS A 103 -33.12 4.63 7.41
C LYS A 103 -34.60 4.30 7.57
N TYR A 104 -35.33 5.12 8.33
CA TYR A 104 -36.74 4.86 8.60
C TYR A 104 -37.79 5.56 7.76
N GLY A 105 -37.40 6.55 6.96
CA GLY A 105 -38.37 7.24 6.12
C GLY A 105 -39.17 8.36 6.75
N SER A 106 -39.09 8.51 8.07
CA SER A 106 -39.81 9.56 8.78
C SER A 106 -39.13 9.85 10.11
N ILE A 107 -39.44 11.01 10.71
CA ILE A 107 -38.83 11.37 11.98
C ILE A 107 -39.72 12.33 12.79
N GLU A 108 -39.87 12.05 14.09
CA GLU A 108 -40.73 12.84 14.99
C GLU A 108 -40.16 14.15 15.51
N VAL A 109 -39.67 15.01 14.63
CA VAL A 109 -39.14 16.30 15.03
C VAL A 109 -39.08 17.23 13.83
N SER A 110 -39.43 18.49 14.04
CA SER A 110 -39.43 19.47 12.93
C SER A 110 -38.05 20.10 12.74
N ASN A 111 -37.78 20.56 11.52
CA ASN A 111 -36.50 21.19 11.21
C ASN A 111 -36.22 22.36 12.15
N ARG A 112 -37.27 23.07 12.53
CA ARG A 112 -37.10 24.20 13.44
C ARG A 112 -36.80 23.75 14.87
N GLU A 113 -37.44 22.67 15.29
CA GLU A 113 -37.26 22.13 16.63
C GLU A 113 -35.85 21.67 16.99
N ILE A 114 -35.23 20.84 16.14
CA ILE A 114 -33.88 20.35 16.46
C ILE A 114 -32.83 21.45 16.38
N ILE A 115 -33.05 22.46 15.53
CA ILE A 115 -32.11 23.56 15.44
C ILE A 115 -32.15 24.32 16.76
N GLU A 116 -33.36 24.62 17.23
CA GLU A 116 -33.50 25.31 18.50
C GLU A 116 -32.85 24.50 19.62
N PHE A 117 -33.09 23.19 19.61
CA PHE A 117 -32.53 22.32 20.63
C PHE A 117 -31.00 22.25 20.62
N GLN A 118 -30.42 22.28 19.42
CA GLN A 118 -28.99 22.23 19.28
C GLN A 118 -28.39 23.46 19.92
N HIS A 119 -29.14 24.57 19.90
CA HIS A 119 -28.67 25.79 20.53
C HIS A 119 -28.76 25.66 22.03
N ARG A 120 -29.88 25.17 22.53
CA ARG A 120 -30.06 25.04 23.97
C ARG A 120 -29.04 24.19 24.70
N ILE A 121 -28.36 23.29 23.99
CA ILE A 121 -27.38 22.43 24.63
C ILE A 121 -25.92 22.85 24.38
N GLY A 122 -25.73 24.05 23.84
CA GLY A 122 -24.40 24.54 23.59
C GLY A 122 -23.56 23.74 22.62
N VAL A 123 -24.14 23.34 21.51
CA VAL A 123 -23.46 22.56 20.47
C VAL A 123 -22.45 23.46 19.74
N ASP A 124 -21.32 22.90 19.28
CA ASP A 124 -20.34 23.72 18.56
C ASP A 124 -20.74 23.92 17.09
N ILE A 125 -21.14 22.85 16.42
CA ILE A 125 -21.57 22.92 15.03
C ILE A 125 -22.89 22.17 14.94
N GLY A 126 -23.86 22.75 14.23
CA GLY A 126 -25.15 22.10 14.12
C GLY A 126 -25.43 21.62 12.72
N THR A 127 -26.57 20.98 12.54
CA THR A 127 -27.00 20.45 11.25
C THR A 127 -28.53 20.50 11.21
N PHE A 128 -29.12 20.90 10.09
CA PHE A 128 -30.57 20.96 10.01
C PHE A 128 -31.12 19.68 9.37
N LEU A 129 -32.44 19.53 9.35
CA LEU A 129 -33.05 18.32 8.81
C LEU A 129 -32.96 18.05 7.31
N ASP A 130 -31.78 18.21 6.72
CA ASP A 130 -31.65 17.94 5.28
C ASP A 130 -32.14 16.51 5.01
N ILE A 131 -32.69 16.30 3.82
CA ILE A 131 -33.22 14.98 3.45
C ILE A 131 -32.25 14.16 2.59
N PRO A 132 -31.73 13.05 3.15
CA PRO A 132 -30.80 12.18 2.44
C PRO A 132 -31.55 11.33 1.40
N THR A 133 -31.60 11.80 0.16
CA THR A 133 -32.28 11.04 -0.88
C THR A 133 -31.36 9.87 -1.17
N PRO A 134 -31.88 8.63 -1.04
CA PRO A 134 -31.08 7.43 -1.31
C PRO A 134 -30.55 7.44 -2.71
N PRO A 135 -29.57 6.57 -3.00
CA PRO A 135 -29.02 6.55 -4.35
C PRO A 135 -30.03 5.93 -5.31
N ASP A 136 -29.83 6.18 -6.61
CA ASP A 136 -30.70 5.61 -7.64
C ASP A 136 -32.19 5.87 -7.48
N ALA A 137 -32.57 6.63 -6.46
CA ALA A 137 -33.98 6.93 -6.22
C ALA A 137 -34.59 7.67 -7.42
N PRO A 138 -35.93 7.56 -7.59
CA PRO A 138 -36.66 8.20 -8.70
C PRO A 138 -36.27 9.67 -8.80
N ARG A 139 -36.12 10.19 -10.02
CA ARG A 139 -35.73 11.58 -10.16
C ARG A 139 -36.70 12.54 -9.49
N GLU A 140 -37.99 12.24 -9.57
CA GLU A 140 -38.96 13.12 -8.95
C GLU A 140 -38.70 13.22 -7.47
N GLN A 141 -38.53 12.07 -6.82
CA GLN A 141 -38.27 12.06 -5.38
C GLN A 141 -37.04 12.88 -5.02
N ALA A 142 -35.97 12.70 -5.80
CA ALA A 142 -34.73 13.43 -5.57
C ALA A 142 -35.01 14.92 -5.62
N VAL A 143 -35.76 15.35 -6.63
CA VAL A 143 -36.08 16.77 -6.79
C VAL A 143 -36.98 17.28 -5.67
N LYS A 144 -38.09 16.61 -5.45
CA LYS A 144 -39.01 17.03 -4.39
C LYS A 144 -38.25 17.16 -3.08
N GLU A 145 -37.57 16.08 -2.70
CA GLU A 145 -36.81 16.05 -1.46
C GLU A 145 -35.69 17.09 -1.41
N LEU A 146 -35.12 17.44 -2.56
CA LEU A 146 -34.05 18.43 -2.58
C LEU A 146 -34.61 19.81 -2.26
N GLU A 147 -35.83 20.10 -2.71
CA GLU A 147 -36.42 21.40 -2.45
C GLU A 147 -36.83 21.52 -0.98
N ILE A 148 -37.31 20.44 -0.40
CA ILE A 148 -37.68 20.49 1.01
C ILE A 148 -36.39 20.73 1.79
N THR A 149 -35.30 20.16 1.29
CA THR A 149 -33.99 20.32 1.92
C THR A 149 -33.60 21.79 1.81
N LEU A 150 -33.60 22.33 0.60
CA LEU A 150 -33.25 23.74 0.37
C LEU A 150 -34.20 24.66 1.14
N SER A 151 -35.43 24.21 1.31
CA SER A 151 -36.40 25.00 2.04
C SER A 151 -35.92 25.12 3.49
N ARG A 152 -35.65 23.98 4.11
CA ARG A 152 -35.20 23.97 5.51
C ARG A 152 -33.88 24.73 5.64
N ALA A 153 -33.10 24.70 4.57
CA ALA A 153 -31.83 25.39 4.60
C ALA A 153 -32.08 26.87 4.85
N ARG A 154 -33.01 27.46 4.10
CA ARG A 154 -33.34 28.87 4.27
C ARG A 154 -33.75 29.16 5.71
N GLU A 155 -34.69 28.37 6.23
CA GLU A 155 -35.14 28.55 7.60
C GLU A 155 -33.91 28.55 8.52
N ALA A 156 -33.15 27.47 8.48
CA ALA A 156 -31.96 27.35 9.31
C ALA A 156 -31.08 28.58 9.18
N GLU A 157 -31.06 29.18 8.00
CA GLU A 157 -30.23 30.35 7.80
C GLU A 157 -30.72 31.58 8.55
N GLU A 158 -32.00 31.65 8.83
CA GLU A 158 -32.53 32.80 9.53
C GLU A 158 -32.61 32.68 11.03
N ILE A 159 -32.58 31.46 11.53
CA ILE A 159 -32.67 31.31 12.96
C ILE A 159 -31.37 30.85 13.60
N LYS A 160 -30.40 30.44 12.78
CA LYS A 160 -29.14 29.96 13.33
C LYS A 160 -28.34 31.04 14.03
N GLU A 161 -27.74 30.66 15.15
CA GLU A 161 -26.92 31.55 15.96
C GLU A 161 -25.59 30.88 16.24
N ILE A 162 -25.40 29.69 15.67
CA ILE A 162 -24.18 28.91 15.82
C ILE A 162 -23.80 28.38 14.43
N PRO A 163 -22.55 27.89 14.25
CA PRO A 163 -22.12 27.35 12.94
C PRO A 163 -22.97 26.16 12.53
N MET A 164 -23.19 25.99 11.22
CA MET A 164 -24.03 24.89 10.77
C MET A 164 -23.61 24.19 9.49
N ASN A 165 -23.99 22.92 9.41
CA ASN A 165 -23.72 22.06 8.27
C ASN A 165 -24.84 22.24 7.27
N ALA A 166 -24.49 22.54 6.02
CA ALA A 166 -25.50 22.71 4.98
C ALA A 166 -25.20 21.60 3.98
N THR A 167 -25.78 20.44 4.24
CA THR A 167 -25.58 19.22 3.45
C THR A 167 -26.05 19.24 1.98
N ILE A 168 -25.22 18.70 1.10
CA ILE A 168 -25.55 18.65 -0.32
C ILE A 168 -26.22 17.32 -0.66
N GLN A 169 -27.45 17.38 -1.15
CA GLN A 169 -28.16 16.15 -1.51
C GLN A 169 -28.39 16.07 -3.03
N GLY A 170 -29.34 15.23 -3.43
CA GLY A 170 -29.63 15.08 -4.84
C GLY A 170 -29.39 13.67 -5.36
N SER A 171 -29.28 12.70 -4.46
CA SER A 171 -29.06 11.31 -4.87
C SER A 171 -27.96 11.15 -5.93
N THR A 172 -28.19 10.29 -6.93
CA THR A 172 -27.20 10.04 -7.97
C THR A 172 -27.26 10.92 -9.22
N TYR A 173 -27.91 12.07 -9.14
CA TYR A 173 -27.97 12.96 -10.30
C TYR A 173 -26.97 14.09 -10.11
N THR A 174 -25.93 14.09 -10.92
CA THR A 174 -24.90 15.10 -10.81
C THR A 174 -25.36 16.52 -11.07
N ASP A 175 -26.38 16.71 -11.90
CA ASP A 175 -26.85 18.06 -12.16
C ASP A 175 -27.53 18.58 -10.88
N LEU A 176 -28.19 17.68 -10.16
CA LEU A 176 -28.86 18.06 -8.92
C LEU A 176 -27.83 18.39 -7.83
N ARG A 177 -26.67 17.73 -7.87
CA ARG A 177 -25.61 17.99 -6.90
C ARG A 177 -25.00 19.37 -7.20
N ARG A 178 -24.80 19.66 -8.48
CA ARG A 178 -24.24 20.95 -8.90
C ARG A 178 -25.20 22.06 -8.49
N TYR A 179 -26.49 21.79 -8.64
CA TYR A 179 -27.52 22.75 -8.27
C TYR A 179 -27.50 22.95 -6.75
N ALA A 180 -27.65 21.86 -6.02
CA ALA A 180 -27.67 21.93 -4.56
C ALA A 180 -26.43 22.65 -4.01
N ALA A 181 -25.26 22.31 -4.54
CA ALA A 181 -24.04 22.93 -4.06
C ALA A 181 -23.97 24.39 -4.45
N ARG A 182 -24.40 24.72 -5.66
CA ARG A 182 -24.35 26.10 -6.15
C ARG A 182 -25.22 27.02 -5.28
N ARG A 183 -26.41 26.55 -4.94
CA ARG A 183 -27.36 27.31 -4.12
C ARG A 183 -26.95 27.42 -2.66
N LEU A 184 -26.56 26.31 -2.06
CA LEU A 184 -26.15 26.30 -0.66
C LEU A 184 -24.91 27.18 -0.44
N SER A 185 -24.07 27.30 -1.46
CA SER A 185 -22.86 28.12 -1.38
C SER A 185 -23.17 29.61 -1.31
N SER A 186 -24.33 30.00 -1.82
CA SER A 186 -24.73 31.41 -1.82
C SER A 186 -25.27 31.82 -0.45
N MET A 187 -25.76 30.85 0.30
CA MET A 187 -26.28 31.12 1.63
C MET A 187 -25.16 31.25 2.63
N ASN A 188 -25.51 31.65 3.85
CA ASN A 188 -24.52 31.81 4.91
C ASN A 188 -24.37 30.57 5.78
N PHE A 189 -23.56 29.63 5.30
CA PHE A 189 -23.29 28.40 6.03
C PHE A 189 -21.79 28.23 6.06
N GLU A 190 -21.25 27.66 7.13
CA GLU A 190 -19.81 27.52 7.23
C GLU A 190 -19.19 26.21 6.75
N ILE A 191 -19.91 25.10 6.87
CA ILE A 191 -19.40 23.80 6.42
C ILE A 191 -20.39 23.10 5.47
N HIS A 192 -19.88 22.45 4.44
CA HIS A 192 -20.76 21.76 3.50
C HIS A 192 -20.56 20.26 3.37
N PRO A 193 -21.39 19.47 4.07
CA PRO A 193 -21.30 18.01 4.00
C PRO A 193 -21.83 17.57 2.64
N ILE A 194 -21.55 16.32 2.27
CA ILE A 194 -22.06 15.75 1.04
C ILE A 194 -22.86 14.54 1.50
N GLY A 195 -24.17 14.64 1.44
CA GLY A 195 -25.02 13.57 1.92
C GLY A 195 -25.45 12.48 0.97
N GLY A 196 -26.14 11.50 1.52
CA GLY A 196 -26.66 10.38 0.75
C GLY A 196 -25.70 9.35 0.21
N VAL A 197 -24.43 9.36 0.62
CA VAL A 197 -23.50 8.37 0.08
C VAL A 197 -23.26 7.14 0.95
N VAL A 198 -23.67 7.17 2.21
CA VAL A 198 -23.47 6.01 3.09
C VAL A 198 -23.82 4.68 2.41
N PRO A 199 -24.98 4.61 1.74
CA PRO A 199 -25.37 3.37 1.06
C PRO A 199 -24.33 2.97 0.03
N LEU A 200 -23.86 3.95 -0.74
CA LEU A 200 -22.85 3.66 -1.74
C LEU A 200 -21.58 3.10 -1.09
N LEU A 201 -21.13 3.75 -0.02
CA LEU A 201 -19.92 3.31 0.69
C LEU A 201 -20.07 1.87 1.17
N GLU A 202 -21.21 1.55 1.76
CA GLU A 202 -21.43 0.20 2.26
C GLU A 202 -21.51 -0.82 1.13
N SER A 203 -21.76 -0.35 -0.09
CA SER A 203 -21.85 -1.23 -1.25
C SER A 203 -20.55 -1.22 -2.03
N TYR A 204 -19.54 -0.50 -1.52
CA TYR A 204 -18.26 -0.43 -2.18
C TYR A 204 -18.36 0.20 -3.58
N ARG A 205 -19.40 1.00 -3.79
CA ARG A 205 -19.63 1.67 -5.07
C ARG A 205 -18.88 2.99 -5.11
N PHE A 206 -17.58 2.92 -4.80
CA PHE A 206 -16.73 4.10 -4.78
C PHE A 206 -16.74 4.94 -6.05
N ARG A 207 -17.00 4.34 -7.21
CA ARG A 207 -16.99 5.16 -8.41
C ARG A 207 -18.15 6.14 -8.39
N ASP A 208 -19.27 5.76 -7.81
CA ASP A 208 -20.42 6.66 -7.74
C ASP A 208 -20.10 7.74 -6.71
N VAL A 209 -19.48 7.36 -5.61
CA VAL A 209 -19.12 8.34 -4.60
C VAL A 209 -18.19 9.39 -5.21
N VAL A 210 -17.30 8.95 -6.09
CA VAL A 210 -16.36 9.88 -6.74
C VAL A 210 -17.10 10.87 -7.63
N ASP A 211 -18.00 10.38 -8.47
CA ASP A 211 -18.76 11.26 -9.35
C ASP A 211 -19.61 12.23 -8.53
N ILE A 212 -20.26 11.71 -7.49
CA ILE A 212 -21.08 12.56 -6.63
C ILE A 212 -20.26 13.63 -5.92
N VAL A 213 -19.12 13.23 -5.37
CA VAL A 213 -18.27 14.20 -4.67
C VAL A 213 -17.73 15.29 -5.58
N ILE A 214 -17.22 14.89 -6.73
CA ILE A 214 -16.64 15.87 -7.65
C ILE A 214 -17.65 16.85 -8.24
N SER A 215 -18.86 16.41 -8.53
CA SER A 215 -19.85 17.32 -9.06
C SER A 215 -20.17 18.35 -7.99
N SER A 216 -20.15 17.92 -6.74
CA SER A 216 -20.42 18.81 -5.62
C SER A 216 -19.26 19.79 -5.43
N LYS A 217 -18.04 19.29 -5.60
CA LYS A 217 -16.86 20.12 -5.44
C LYS A 217 -16.72 21.12 -6.59
N MET A 218 -17.28 20.79 -7.74
CA MET A 218 -17.19 21.71 -8.85
C MET A 218 -18.05 22.95 -8.62
N ALA A 219 -19.18 22.77 -7.96
CA ALA A 219 -20.10 23.87 -7.72
C ALA A 219 -20.06 24.55 -6.34
N LEU A 220 -19.22 24.06 -5.44
CA LEU A 220 -19.13 24.64 -4.10
C LEU A 220 -18.11 25.76 -4.05
N ARG A 221 -18.26 26.66 -3.08
CA ARG A 221 -17.28 27.73 -2.93
C ARG A 221 -16.07 26.97 -2.45
N PRO A 222 -14.89 27.24 -3.01
CA PRO A 222 -13.67 26.53 -2.61
C PRO A 222 -13.23 26.82 -1.17
N ASP A 223 -13.76 27.88 -0.58
CA ASP A 223 -13.33 28.29 0.76
C ASP A 223 -14.06 27.75 1.99
N ARG A 224 -14.93 26.77 1.81
CA ARG A 224 -15.65 26.18 2.95
C ARG A 224 -15.31 24.70 3.05
N PRO A 225 -15.13 24.19 4.28
CA PRO A 225 -14.80 22.78 4.49
C PRO A 225 -15.84 21.86 3.84
N VAL A 226 -15.41 20.69 3.38
CA VAL A 226 -16.29 19.70 2.76
C VAL A 226 -16.26 18.45 3.63
N HIS A 227 -17.42 18.01 4.09
CA HIS A 227 -17.54 16.85 4.98
C HIS A 227 -18.24 15.70 4.27
N LEU A 228 -17.66 14.51 4.28
CA LEU A 228 -18.29 13.39 3.62
C LEU A 228 -19.01 12.50 4.63
N PHE A 229 -20.28 12.82 4.86
CA PHE A 229 -21.12 12.09 5.80
C PHE A 229 -21.10 10.56 5.64
N GLY A 230 -20.82 9.87 6.74
CA GLY A 230 -20.79 8.42 6.71
C GLY A 230 -19.44 7.81 6.40
N ALA A 231 -18.61 8.50 5.61
CA ALA A 231 -17.30 7.95 5.26
C ALA A 231 -16.41 7.81 6.48
N GLY A 232 -16.45 6.65 7.11
CA GLY A 232 -15.65 6.46 8.29
C GLY A 232 -14.72 5.26 8.25
N HIS A 233 -14.29 4.88 7.06
CA HIS A 233 -13.38 3.74 6.93
C HIS A 233 -12.10 4.17 6.22
N PRO A 234 -10.93 3.91 6.83
CA PRO A 234 -9.60 4.25 6.31
C PRO A 234 -9.42 4.05 4.81
N ILE A 235 -10.06 3.02 4.29
CA ILE A 235 -9.94 2.67 2.88
C ILE A 235 -10.23 3.78 1.86
N VAL A 236 -10.99 4.82 2.26
CA VAL A 236 -11.29 5.91 1.33
C VAL A 236 -10.60 7.23 1.67
N PHE A 237 -10.08 7.36 2.89
CA PHE A 237 -9.42 8.61 3.25
C PHE A 237 -8.54 9.17 2.13
N ALA A 238 -7.51 8.44 1.72
CA ALA A 238 -6.62 8.97 0.69
C ALA A 238 -7.33 9.47 -0.57
N LEU A 239 -8.26 8.68 -1.09
CA LEU A 239 -8.98 9.08 -2.30
C LEU A 239 -9.85 10.32 -2.08
N ALA A 240 -10.65 10.32 -1.01
CA ALA A 240 -11.52 11.43 -0.71
C ALA A 240 -10.73 12.70 -0.50
N VAL A 241 -9.65 12.62 0.27
CA VAL A 241 -8.85 13.81 0.48
C VAL A 241 -8.29 14.32 -0.84
N ALA A 242 -7.86 13.42 -1.70
CA ALA A 242 -7.32 13.82 -2.99
C ALA A 242 -8.38 14.60 -3.76
N MET A 243 -9.65 14.32 -3.46
CA MET A 243 -10.78 15.00 -4.12
C MET A 243 -11.09 16.35 -3.50
N GLY A 244 -10.70 16.55 -2.25
CA GLY A 244 -10.99 17.83 -1.62
C GLY A 244 -11.91 17.70 -0.43
N VAL A 245 -12.12 16.47 0.04
CA VAL A 245 -12.94 16.25 1.21
C VAL A 245 -12.04 16.64 2.39
N ASP A 246 -12.63 17.24 3.42
CA ASP A 246 -11.87 17.71 4.57
C ASP A 246 -12.27 17.06 5.89
N LEU A 247 -13.49 16.55 5.96
CA LEU A 247 -13.96 15.94 7.20
C LEU A 247 -14.68 14.61 7.00
N PHE A 248 -14.45 13.68 7.94
CA PHE A 248 -15.07 12.37 7.89
C PHE A 248 -15.66 12.07 9.24
N ASP A 249 -16.70 11.23 9.26
CA ASP A 249 -17.31 10.84 10.52
C ASP A 249 -17.47 9.33 10.49
N SER A 250 -16.98 8.69 11.54
CA SER A 250 -17.01 7.24 11.66
C SER A 250 -17.72 6.68 12.88
N ALA A 251 -18.64 5.75 12.60
CA ALA A 251 -19.37 5.05 13.65
C ALA A 251 -18.85 3.63 13.54
N SER A 252 -18.32 3.31 12.36
CA SER A 252 -17.79 2.00 12.04
C SER A 252 -16.76 1.52 13.06
N TYR A 253 -15.84 2.40 13.46
CA TYR A 253 -14.84 2.00 14.40
C TYR A 253 -15.51 1.27 15.57
N ALA A 254 -16.69 1.74 15.95
CA ALA A 254 -17.44 1.14 17.05
C ALA A 254 -18.37 0.03 16.61
N LEU A 255 -19.15 0.27 15.56
CA LEU A 255 -20.07 -0.73 15.06
C LEU A 255 -19.36 -1.99 14.63
N TYR A 256 -18.22 -1.85 13.96
CA TYR A 256 -17.45 -3.01 13.55
C TYR A 256 -16.94 -3.77 14.78
N ALA A 257 -16.46 -3.03 15.78
CA ALA A 257 -15.95 -3.65 16.99
C ALA A 257 -16.99 -4.58 17.63
N LYS A 258 -18.22 -4.13 17.70
CA LYS A 258 -19.27 -4.95 18.28
C LYS A 258 -19.49 -6.19 17.44
N ASP A 259 -18.99 -6.18 16.21
CA ASP A 259 -19.15 -7.30 15.29
C ASP A 259 -17.85 -8.09 15.07
N ASP A 260 -16.91 -7.92 16.00
CA ASP A 260 -15.62 -8.60 15.90
C ASP A 260 -15.04 -8.40 14.52
N ARG A 261 -15.20 -7.19 13.95
CA ARG A 261 -14.65 -6.88 12.64
C ARG A 261 -13.48 -5.93 12.86
N TYR A 262 -12.43 -6.11 12.06
CA TYR A 262 -11.17 -5.40 12.21
C TYR A 262 -10.79 -4.50 11.02
N MET A 263 -10.68 -3.21 11.26
CA MET A 263 -10.32 -2.28 10.19
C MET A 263 -8.84 -2.33 9.80
N THR A 264 -8.57 -2.05 8.53
CA THR A 264 -7.23 -2.06 7.96
C THR A 264 -7.32 -1.00 6.88
N PRO A 265 -6.21 -0.33 6.56
CA PRO A 265 -6.24 0.70 5.52
C PRO A 265 -6.63 0.13 4.15
N GLU A 266 -6.57 -1.18 4.00
CA GLU A 266 -6.91 -1.79 2.73
C GLU A 266 -8.27 -2.49 2.75
N GLY A 267 -8.93 -2.50 3.90
CA GLY A 267 -10.23 -3.15 3.97
C GLY A 267 -10.58 -3.62 5.36
N THR A 268 -11.47 -4.60 5.48
CA THR A 268 -11.87 -5.12 6.79
C THR A 268 -11.67 -6.61 6.87
N LYS A 269 -11.43 -7.10 8.08
CA LYS A 269 -11.20 -8.51 8.30
C LYS A 269 -12.01 -8.99 9.48
N ARG A 270 -12.44 -10.24 9.40
CA ARG A 270 -13.20 -10.82 10.50
C ARG A 270 -12.20 -11.22 11.57
N LEU A 271 -12.52 -10.96 12.83
CA LEU A 271 -11.60 -11.31 13.89
C LEU A 271 -11.21 -12.76 13.80
N ASP A 272 -12.18 -13.63 13.53
CA ASP A 272 -11.93 -15.06 13.42
C ASP A 272 -11.12 -15.49 12.20
N GLU A 273 -10.88 -14.59 11.26
CA GLU A 273 -10.10 -14.97 10.09
C GLU A 273 -8.68 -14.45 10.23
N LEU A 274 -8.41 -13.74 11.31
CA LEU A 274 -7.07 -13.20 11.56
C LEU A 274 -6.16 -14.19 12.25
N ASP A 275 -4.96 -14.36 11.72
CA ASP A 275 -3.99 -15.27 12.32
C ASP A 275 -2.93 -14.40 12.98
N TYR A 276 -2.77 -13.19 12.46
CA TYR A 276 -1.82 -12.22 12.98
C TYR A 276 -2.48 -10.86 12.97
N PHE A 277 -1.85 -9.91 13.64
CA PHE A 277 -2.34 -8.54 13.67
C PHE A 277 -1.38 -7.70 12.86
N PRO A 278 -1.74 -7.34 11.63
CA PRO A 278 -0.87 -6.52 10.78
C PRO A 278 -0.99 -5.06 11.25
N CYS A 279 -0.45 -4.78 12.44
CA CYS A 279 -0.53 -3.45 13.05
C CYS A 279 0.37 -3.41 14.26
N SER A 280 0.66 -2.23 14.76
CA SER A 280 1.52 -2.10 15.93
C SER A 280 0.93 -1.16 16.97
N CYS A 281 -0.37 -0.90 16.89
CA CYS A 281 -1.03 0.00 17.83
C CYS A 281 -1.01 -0.52 19.27
N PRO A 282 -1.40 0.31 20.25
CA PRO A 282 -1.42 -0.10 21.66
C PRO A 282 -2.11 -1.45 21.88
N VAL A 283 -3.12 -1.75 21.08
CA VAL A 283 -3.83 -3.02 21.21
C VAL A 283 -3.03 -4.17 20.57
N CYS A 284 -2.82 -4.08 19.26
CA CYS A 284 -2.11 -5.08 18.48
C CYS A 284 -0.63 -5.29 18.80
N SER A 285 -0.02 -4.36 19.50
CA SER A 285 1.39 -4.50 19.82
C SER A 285 1.58 -5.37 21.05
N LYS A 286 0.51 -5.62 21.80
CA LYS A 286 0.63 -6.44 22.99
C LYS A 286 -0.37 -7.59 23.08
N TYR A 287 -1.25 -7.71 22.08
CA TYR A 287 -2.24 -8.78 22.08
C TYR A 287 -2.22 -9.55 20.79
N THR A 288 -2.81 -10.74 20.83
CA THR A 288 -2.83 -11.61 19.68
C THR A 288 -4.26 -11.96 19.29
N PRO A 289 -4.53 -12.26 18.00
CA PRO A 289 -5.89 -12.60 17.58
C PRO A 289 -6.42 -13.80 18.37
N GLN A 290 -5.54 -14.78 18.57
CA GLN A 290 -5.86 -16.00 19.31
C GLN A 290 -6.28 -15.69 20.72
N GLU A 291 -5.83 -14.55 21.22
CA GLU A 291 -6.19 -14.11 22.56
C GLU A 291 -7.51 -13.33 22.50
N LEU A 292 -7.51 -12.24 21.73
CA LEU A 292 -8.69 -11.40 21.56
C LEU A 292 -9.93 -12.28 21.48
N ARG A 293 -9.86 -13.25 20.58
CA ARG A 293 -10.95 -14.19 20.29
C ARG A 293 -11.62 -14.85 21.51
N GLU A 294 -10.88 -15.05 22.59
CA GLU A 294 -11.43 -15.70 23.77
C GLU A 294 -11.75 -14.79 24.94
N MET A 295 -11.60 -13.49 24.74
CA MET A 295 -11.87 -12.53 25.80
C MET A 295 -13.34 -12.17 25.87
N PRO A 296 -13.77 -11.61 27.01
CA PRO A 296 -15.17 -11.23 27.15
C PRO A 296 -15.60 -10.34 25.99
N LYS A 297 -16.86 -10.45 25.58
CA LYS A 297 -17.41 -9.67 24.47
C LYS A 297 -17.22 -8.15 24.69
N GLU A 298 -17.29 -7.73 25.96
CA GLU A 298 -17.14 -6.31 26.29
C GLU A 298 -15.71 -5.86 26.12
N GLU A 299 -14.79 -6.74 26.46
CA GLU A 299 -13.36 -6.47 26.36
C GLU A 299 -12.93 -6.57 24.88
N ARG A 300 -13.58 -7.47 24.16
CA ARG A 300 -13.29 -7.70 22.75
C ARG A 300 -13.68 -6.49 21.93
N THR A 301 -14.85 -5.93 22.23
CA THR A 301 -15.37 -4.75 21.54
C THR A 301 -14.53 -3.52 21.87
N ARG A 302 -14.34 -3.29 23.16
CA ARG A 302 -13.56 -2.17 23.63
C ARG A 302 -12.18 -2.15 22.94
N LEU A 303 -11.58 -3.33 22.81
CA LEU A 303 -10.27 -3.43 22.19
C LEU A 303 -10.25 -3.24 20.68
N LEU A 304 -11.21 -3.82 19.97
CA LEU A 304 -11.27 -3.67 18.53
C LEU A 304 -11.62 -2.22 18.23
N ALA A 305 -12.44 -1.62 19.09
CA ALA A 305 -12.81 -0.22 18.91
C ALA A 305 -11.53 0.61 18.91
N LEU A 306 -10.73 0.49 19.97
CA LEU A 306 -9.49 1.23 20.09
C LEU A 306 -8.61 1.02 18.86
N HIS A 307 -8.38 -0.23 18.48
CA HIS A 307 -7.58 -0.50 17.29
C HIS A 307 -8.13 0.25 16.09
N ASN A 308 -9.43 0.08 15.83
CA ASN A 308 -10.05 0.74 14.69
C ASN A 308 -9.80 2.23 14.70
N LEU A 309 -9.84 2.84 15.88
CA LEU A 309 -9.57 4.26 16.01
C LEU A 309 -8.12 4.54 15.68
N TRP A 310 -7.22 3.68 16.12
CA TRP A 310 -5.80 3.90 15.84
C TRP A 310 -5.49 3.82 14.37
N VAL A 311 -6.12 2.88 13.69
CA VAL A 311 -5.91 2.73 12.25
C VAL A 311 -6.44 3.97 11.56
N ILE A 312 -7.63 4.43 11.97
CA ILE A 312 -8.22 5.61 11.39
C ILE A 312 -7.30 6.80 11.59
N LYS A 313 -6.91 7.02 12.83
CA LYS A 313 -6.01 8.11 13.19
C LYS A 313 -4.73 7.96 12.37
N GLU A 314 -4.27 6.73 12.22
CA GLU A 314 -3.04 6.49 11.50
C GLU A 314 -3.08 6.80 10.01
N GLU A 315 -4.15 6.42 9.30
CA GLU A 315 -4.21 6.73 7.88
C GLU A 315 -4.28 8.25 7.71
N ILE A 316 -5.11 8.92 8.51
CA ILE A 316 -5.23 10.36 8.38
C ILE A 316 -3.86 10.96 8.52
N LYS A 317 -3.11 10.55 9.53
CA LYS A 317 -1.77 11.07 9.71
C LYS A 317 -0.95 10.79 8.44
N ARG A 318 -1.09 9.58 7.89
CA ARG A 318 -0.36 9.18 6.68
C ARG A 318 -0.71 10.05 5.48
N VAL A 319 -2.00 10.29 5.29
CA VAL A 319 -2.47 11.13 4.21
C VAL A 319 -1.82 12.52 4.32
N LYS A 320 -1.94 13.14 5.49
CA LYS A 320 -1.36 14.47 5.69
C LYS A 320 0.16 14.52 5.41
N GLN A 321 0.89 13.54 5.90
CA GLN A 321 2.32 13.53 5.66
C GLN A 321 2.57 13.37 4.16
N ALA A 322 1.61 12.75 3.47
CA ALA A 322 1.75 12.53 2.05
C ALA A 322 1.62 13.85 1.35
N ILE A 323 0.63 14.62 1.77
CA ILE A 323 0.37 15.95 1.20
C ILE A 323 1.54 16.87 1.45
N LYS A 324 2.07 16.80 2.66
CA LYS A 324 3.20 17.63 3.06
C LYS A 324 4.39 17.43 2.14
N GLU A 325 4.50 16.24 1.55
CA GLU A 325 5.61 15.95 0.65
C GLU A 325 5.18 15.79 -0.81
N GLY A 326 3.97 16.23 -1.14
CA GLY A 326 3.47 16.15 -2.51
C GLY A 326 3.50 14.76 -3.09
N GLU A 327 3.01 13.81 -2.30
CA GLU A 327 3.01 12.43 -2.73
C GLU A 327 1.64 11.81 -2.47
N LEU A 328 0.60 12.64 -2.52
CA LEU A 328 -0.74 12.14 -2.29
C LEU A 328 -1.18 11.16 -3.39
N TRP A 329 -0.92 11.50 -4.65
CA TRP A 329 -1.32 10.62 -5.75
C TRP A 329 -0.70 9.22 -5.63
N ARG A 330 0.57 9.17 -5.28
CA ARG A 330 1.26 7.91 -5.11
C ARG A 330 0.51 7.05 -4.09
N LEU A 331 0.15 7.66 -2.95
CA LEU A 331 -0.57 6.97 -1.90
C LEU A 331 -1.95 6.49 -2.36
N VAL A 332 -2.64 7.33 -3.12
CA VAL A 332 -3.96 6.97 -3.63
C VAL A 332 -3.77 5.75 -4.52
N ASP A 333 -2.77 5.82 -5.40
CA ASP A 333 -2.46 4.73 -6.32
C ASP A 333 -2.27 3.44 -5.54
N GLU A 334 -1.53 3.53 -4.45
CA GLU A 334 -1.29 2.37 -3.60
C GLU A 334 -2.59 1.87 -3.00
N ARG A 335 -3.32 2.75 -2.34
CA ARG A 335 -4.58 2.36 -1.73
C ARG A 335 -5.60 1.88 -2.75
N ALA A 336 -5.38 2.24 -4.01
CA ALA A 336 -6.33 1.83 -5.06
C ALA A 336 -6.33 0.32 -5.25
N ARG A 337 -5.17 -0.30 -5.01
CA ARG A 337 -5.03 -1.74 -5.18
C ARG A 337 -5.73 -2.50 -4.06
N SER A 338 -6.38 -1.79 -3.15
CA SER A 338 -7.07 -2.46 -2.05
C SER A 338 -8.31 -3.22 -2.50
N HIS A 339 -8.94 -2.76 -3.56
CA HIS A 339 -10.14 -3.44 -4.01
C HIS A 339 -10.57 -3.00 -5.41
N PRO A 340 -11.06 -3.94 -6.22
CA PRO A 340 -11.50 -3.69 -7.59
C PRO A 340 -12.34 -2.44 -7.71
N LYS A 341 -13.41 -2.38 -6.93
CA LYS A 341 -14.29 -1.23 -6.96
C LYS A 341 -13.54 0.07 -6.68
N LEU A 342 -12.58 0.02 -5.78
CA LEU A 342 -11.83 1.22 -5.43
C LEU A 342 -10.83 1.55 -6.54
N TYR A 343 -10.35 0.53 -7.24
CA TYR A 343 -9.42 0.75 -8.35
C TYR A 343 -10.21 1.47 -9.43
N SER A 344 -11.42 0.99 -9.66
CA SER A 344 -12.31 1.56 -10.65
C SER A 344 -12.51 3.04 -10.35
N ALA A 345 -12.77 3.36 -9.08
CA ALA A 345 -12.98 4.75 -8.65
C ALA A 345 -11.71 5.58 -8.86
N TYR A 346 -10.55 5.03 -8.56
CA TYR A 346 -9.30 5.77 -8.76
C TYR A 346 -9.17 6.15 -10.25
N LYS A 347 -9.39 5.18 -11.15
CA LYS A 347 -9.31 5.44 -12.58
C LYS A 347 -10.29 6.54 -12.99
N ARG A 348 -11.47 6.52 -12.38
CA ARG A 348 -12.51 7.48 -12.67
C ARG A 348 -12.13 8.89 -12.24
N LEU A 349 -11.50 8.99 -11.07
CA LEU A 349 -11.10 10.29 -10.55
C LEU A 349 -10.06 10.96 -11.43
N LEU A 350 -9.21 10.18 -12.09
CA LEU A 350 -8.18 10.76 -12.92
C LEU A 350 -8.71 11.31 -14.23
N GLU A 351 -9.98 11.01 -14.52
CA GLU A 351 -10.61 11.47 -15.76
C GLU A 351 -10.96 12.95 -15.64
N HIS A 352 -11.28 13.37 -14.43
CA HIS A 352 -11.62 14.77 -14.18
C HIS A 352 -10.38 15.64 -14.16
N TYR A 353 -9.62 15.62 -15.25
CA TYR A 353 -8.41 16.41 -15.31
C TYR A 353 -8.67 17.89 -15.15
N THR A 354 -9.75 18.37 -15.77
CA THR A 354 -10.07 19.78 -15.70
C THR A 354 -10.26 20.23 -14.26
N PHE A 355 -11.08 19.51 -13.51
CA PHE A 355 -11.31 19.84 -12.12
C PHE A 355 -10.02 19.81 -11.33
N LEU A 356 -9.30 18.69 -11.42
CA LEU A 356 -8.05 18.53 -10.68
C LEU A 356 -6.91 19.44 -11.04
N GLU A 357 -6.85 19.86 -12.29
CA GLU A 357 -5.76 20.72 -12.73
C GLU A 357 -5.77 22.10 -12.11
N GLU A 358 -6.95 22.66 -11.84
CA GLU A 358 -6.98 23.99 -11.28
C GLU A 358 -6.26 24.11 -9.96
N PHE A 359 -6.26 23.05 -9.17
CA PHE A 359 -5.61 23.12 -7.87
C PHE A 359 -4.26 22.41 -7.78
N GLU A 360 -3.97 21.54 -8.74
CA GLU A 360 -2.72 20.79 -8.75
C GLU A 360 -1.52 21.73 -8.69
N PRO A 361 -0.73 21.64 -7.61
CA PRO A 361 0.44 22.50 -7.47
C PRO A 361 1.27 22.57 -8.74
N ILE A 362 2.02 23.66 -8.87
CA ILE A 362 2.86 23.86 -10.04
C ILE A 362 4.17 23.11 -9.81
N THR A 363 4.56 23.00 -8.55
CA THR A 363 5.78 22.29 -8.18
C THR A 363 5.62 21.61 -6.82
N LYS A 364 6.24 20.45 -6.67
CA LYS A 364 6.15 19.70 -5.42
C LYS A 364 7.53 19.42 -4.87
N LYS A 365 7.59 19.07 -3.59
CA LYS A 365 8.86 18.76 -2.94
C LYS A 365 9.36 17.40 -3.41
N SER A 366 8.42 16.48 -3.66
CA SER A 366 8.73 15.12 -4.10
C SER A 366 9.04 15.03 -5.60
N ALA A 367 9.45 13.85 -6.05
CA ALA A 367 9.76 13.64 -7.45
C ALA A 367 8.61 12.89 -8.12
N LEU A 368 8.44 13.09 -9.42
CA LEU A 368 7.38 12.42 -10.17
C LEU A 368 7.69 10.92 -10.33
N PHE A 369 7.00 10.06 -9.56
CA PHE A 369 7.22 8.61 -9.62
C PHE A 369 6.29 7.85 -10.57
N LYS A 370 6.85 7.27 -11.63
CA LYS A 370 6.03 6.48 -12.54
C LYS A 370 5.94 5.13 -11.84
N ILE A 371 4.80 4.85 -11.21
CA ILE A 371 4.65 3.59 -10.49
C ILE A 371 3.43 2.80 -10.89
N SER A 372 2.88 3.11 -12.05
CA SER A 372 1.71 2.40 -12.59
C SER A 372 1.30 3.07 -13.89
N ASN A 373 0.31 2.52 -14.57
CA ASN A 373 -0.16 3.11 -15.81
C ASN A 373 -0.95 4.36 -15.45
N GLU A 374 -1.68 4.28 -14.35
CA GLU A 374 -2.49 5.37 -13.85
C GLU A 374 -1.64 6.62 -13.60
N SER A 375 -0.42 6.46 -13.12
CA SER A 375 0.41 7.62 -12.83
C SER A 375 0.69 8.44 -14.09
N LEU A 376 0.54 7.82 -15.26
CA LEU A 376 0.77 8.53 -16.50
C LEU A 376 -0.38 9.49 -16.79
N ARG A 377 -1.45 9.37 -16.02
CA ARG A 377 -2.62 10.24 -16.20
C ARG A 377 -2.80 11.19 -15.01
N TRP A 378 -1.76 11.32 -14.20
CA TRP A 378 -1.83 12.22 -13.06
C TRP A 378 -1.90 13.63 -13.60
N PRO A 379 -2.57 14.52 -12.88
CA PRO A 379 -2.69 15.91 -13.31
C PRO A 379 -1.38 16.54 -13.73
N VAL A 380 -0.37 16.44 -12.88
CA VAL A 380 0.92 17.05 -13.16
C VAL A 380 1.59 16.54 -14.42
N VAL A 381 1.14 15.41 -14.94
CA VAL A 381 1.74 14.85 -16.16
C VAL A 381 1.08 15.35 -17.44
N ARG A 382 -0.24 15.36 -17.49
CA ARG A 382 -0.93 15.86 -18.67
C ARG A 382 -0.70 17.36 -18.84
N ARG A 383 -0.54 18.07 -17.72
CA ARG A 383 -0.30 19.50 -17.75
C ARG A 383 1.08 19.76 -18.28
N ALA A 384 2.08 19.11 -17.69
CA ALA A 384 3.45 19.32 -18.11
C ALA A 384 3.60 18.94 -19.58
N LYS A 385 2.76 18.03 -20.05
CA LYS A 385 2.82 17.61 -21.45
C LYS A 385 2.42 18.72 -22.40
N GLU A 386 1.21 19.26 -22.26
CA GLU A 386 0.74 20.33 -23.15
C GLU A 386 1.58 21.60 -23.10
N ARG A 387 1.89 22.06 -21.90
CA ARG A 387 2.70 23.27 -21.78
C ARG A 387 3.99 23.06 -22.56
N ALA A 388 4.42 21.82 -22.59
CA ALA A 388 5.63 21.45 -23.29
C ALA A 388 5.53 21.55 -24.81
N LYS A 389 4.45 21.02 -25.39
CA LYS A 389 4.28 21.05 -26.85
C LYS A 389 4.85 22.31 -27.46
N SER A 390 4.30 23.45 -27.07
CA SER A 390 4.74 24.75 -27.54
C SER A 390 6.27 24.91 -27.51
N ILE A 391 6.86 24.71 -26.34
CA ILE A 391 8.31 24.86 -26.14
C ILE A 391 9.10 23.97 -27.09
N ASN A 392 8.79 22.68 -27.08
CA ASN A 392 9.48 21.72 -27.93
C ASN A 392 9.55 22.13 -29.40
N GLU A 393 8.42 22.54 -29.97
CA GLU A 393 8.37 22.93 -31.37
C GLU A 393 9.25 24.13 -31.70
N ARG A 394 9.51 24.98 -30.71
CA ARG A 394 10.33 26.16 -30.95
C ARG A 394 11.81 25.99 -30.61
N PHE A 395 12.09 25.23 -29.56
CA PHE A 395 13.47 25.02 -29.15
C PHE A 395 14.06 23.69 -29.61
N GLY A 396 13.23 22.81 -30.17
CA GLY A 396 13.71 21.53 -30.64
C GLY A 396 14.71 20.85 -29.73
N GLU A 397 15.72 20.22 -30.33
CA GLU A 397 16.76 19.50 -29.58
C GLU A 397 16.16 18.52 -28.57
N LEU A 398 15.17 17.77 -29.04
CA LEU A 398 14.47 16.80 -28.23
C LEU A 398 15.39 15.69 -27.72
N VAL A 399 15.07 15.22 -26.51
CA VAL A 399 15.82 14.17 -25.84
C VAL A 399 14.77 13.14 -25.40
N GLU A 400 15.20 11.93 -25.11
CA GLU A 400 14.27 10.88 -24.70
C GLU A 400 13.89 10.96 -23.24
N HIS A 401 12.63 10.63 -22.96
CA HIS A 401 12.14 10.66 -21.60
C HIS A 401 11.30 9.44 -21.26
N PRO A 402 11.63 8.78 -20.15
CA PRO A 402 10.95 7.59 -19.66
C PRO A 402 9.45 7.81 -19.59
N ILE A 403 9.05 8.89 -18.92
CA ILE A 403 7.65 9.21 -18.74
C ILE A 403 7.04 10.03 -19.88
N PHE A 404 7.70 11.11 -20.26
CA PHE A 404 7.16 11.97 -21.32
C PHE A 404 7.53 11.63 -22.76
N GLY A 405 8.53 10.78 -22.96
CA GLY A 405 8.93 10.39 -24.30
C GLY A 405 10.07 11.21 -24.88
N ARG A 406 9.74 12.37 -25.42
CA ARG A 406 10.73 13.25 -26.01
C ARG A 406 10.42 14.67 -25.57
N VAL A 407 11.35 15.28 -24.83
CA VAL A 407 11.17 16.63 -24.34
C VAL A 407 12.45 17.45 -24.51
N SER A 408 12.34 18.59 -25.17
CA SER A 408 13.48 19.46 -25.42
C SER A 408 14.52 19.45 -24.30
N ARG A 409 15.78 19.38 -24.68
CA ARG A 409 16.86 19.36 -23.71
C ARG A 409 16.84 20.59 -22.82
N TYR A 410 16.09 21.60 -23.21
CA TYR A 410 16.02 22.84 -22.45
C TYR A 410 15.07 22.84 -21.27
N LEU A 411 14.11 21.92 -21.26
CA LEU A 411 13.16 21.78 -20.15
C LEU A 411 13.55 20.58 -19.30
N SER A 412 14.66 19.93 -19.67
CA SER A 412 15.13 18.74 -18.98
C SER A 412 15.67 18.91 -17.57
N LEU A 413 15.96 20.13 -17.13
CA LEU A 413 16.45 20.34 -15.76
C LEU A 413 15.28 20.79 -14.91
N THR A 414 14.12 20.95 -15.55
CA THR A 414 12.92 21.45 -14.91
C THR A 414 11.86 20.42 -14.54
N TYR A 415 11.21 20.67 -13.41
CA TYR A 415 10.15 19.79 -12.93
C TYR A 415 8.99 19.84 -13.94
N PRO A 416 8.29 18.72 -14.16
CA PRO A 416 8.49 17.39 -13.58
C PRO A 416 9.43 16.47 -14.36
N PHE A 417 9.97 16.94 -15.48
CA PHE A 417 10.85 16.15 -16.32
C PHE A 417 12.15 15.71 -15.63
N ALA A 418 12.89 16.65 -15.07
CA ALA A 418 14.15 16.32 -14.40
C ALA A 418 13.91 15.74 -13.02
N GLN A 419 12.80 16.15 -12.41
CA GLN A 419 12.47 15.69 -11.06
C GLN A 419 11.52 14.51 -11.08
N SER A 420 11.84 13.52 -11.93
CA SER A 420 11.00 12.34 -12.05
C SER A 420 11.83 11.08 -12.23
N GLU A 421 11.29 9.96 -11.80
CA GLU A 421 11.96 8.67 -11.92
C GLU A 421 10.97 7.59 -12.36
N ALA A 422 11.43 6.70 -13.22
CA ALA A 422 10.63 5.61 -13.73
C ALA A 422 11.43 4.32 -13.65
N GLU A 423 11.06 3.32 -14.45
CA GLU A 423 11.78 2.05 -14.45
C GLU A 423 13.22 2.27 -14.92
N ASP A 424 13.36 3.19 -15.87
CA ASP A 424 14.65 3.51 -16.44
C ASP A 424 15.06 4.94 -16.11
N ASP A 425 16.28 5.11 -15.62
CA ASP A 425 16.79 6.42 -15.25
C ASP A 425 16.81 7.43 -16.40
N PHE A 426 16.37 8.66 -16.10
CA PHE A 426 16.35 9.75 -17.09
C PHE A 426 17.69 10.46 -17.01
N LYS A 427 18.33 10.68 -18.17
CA LYS A 427 19.61 11.36 -18.18
C LYS A 427 19.50 12.86 -18.46
N ILE A 428 19.56 13.65 -17.40
CA ILE A 428 19.47 15.10 -17.50
C ILE A 428 20.56 15.60 -18.46
N GLU A 429 20.27 16.68 -19.18
CA GLU A 429 21.22 17.24 -20.14
C GLU A 429 21.63 18.66 -19.71
N LYS A 430 22.77 18.78 -19.03
CA LYS A 430 23.23 20.10 -18.58
C LYS A 430 23.53 21.07 -19.72
N PRO A 431 23.50 22.37 -19.43
CA PRO A 431 23.78 23.40 -20.44
C PRO A 431 25.26 23.55 -20.77
N THR A 432 25.53 24.42 -21.72
CA THR A 432 26.89 24.73 -22.15
C THR A 432 26.97 26.26 -22.03
N LYS A 433 28.17 26.81 -21.92
CA LYS A 433 28.27 28.27 -21.79
C LYS A 433 27.44 29.00 -22.83
N GLU A 434 27.32 28.42 -24.02
CA GLU A 434 26.56 29.03 -25.10
C GLU A 434 25.06 28.75 -25.00
N ASP A 435 24.71 27.64 -24.36
CA ASP A 435 23.32 27.21 -24.16
C ASP A 435 22.57 27.99 -23.09
N ALA A 436 23.18 28.04 -21.91
CA ALA A 436 22.63 28.71 -20.73
C ALA A 436 21.29 29.41 -20.94
N ILE A 437 21.34 30.61 -21.50
CA ILE A 437 20.17 31.43 -21.74
C ILE A 437 19.00 30.70 -22.42
N LYS A 438 19.30 29.90 -23.44
CA LYS A 438 18.30 29.15 -24.18
C LYS A 438 17.43 28.35 -23.21
N TYR A 439 18.02 28.00 -22.06
CA TYR A 439 17.30 27.25 -21.02
C TYR A 439 16.30 28.18 -20.35
N VAL A 440 16.84 29.19 -19.67
CA VAL A 440 16.03 30.16 -18.97
C VAL A 440 14.87 30.63 -19.85
N MET A 441 15.13 30.81 -21.14
CA MET A 441 14.08 31.23 -22.05
C MET A 441 13.02 30.16 -22.11
N ALA A 442 13.45 28.92 -22.31
CA ALA A 442 12.53 27.80 -22.38
C ALA A 442 11.70 27.71 -21.09
N ILE A 443 12.39 27.65 -19.96
CA ILE A 443 11.72 27.56 -18.66
C ILE A 443 10.71 28.68 -18.49
N ALA A 444 11.17 29.91 -18.78
CA ALA A 444 10.32 31.09 -18.69
C ALA A 444 9.06 30.86 -19.48
N GLU A 445 9.23 30.48 -20.74
CA GLU A 445 8.12 30.22 -21.64
C GLU A 445 7.19 29.14 -21.08
N TYR A 446 7.77 28.15 -20.40
CA TYR A 446 7.03 27.03 -19.83
C TYR A 446 6.33 27.32 -18.50
N GLN A 447 7.00 28.09 -17.64
CA GLN A 447 6.49 28.44 -16.32
C GLN A 447 5.52 29.60 -16.32
N PHE A 448 5.85 30.63 -17.11
CA PHE A 448 5.07 31.87 -17.21
C PHE A 448 4.15 31.98 -18.42
N GLY A 449 4.24 31.06 -19.37
CA GLY A 449 3.36 31.13 -20.52
C GLY A 449 3.95 31.80 -21.75
N GLU A 450 3.14 31.88 -22.80
CA GLU A 450 3.53 32.47 -24.09
C GLU A 450 4.22 33.83 -24.02
N GLY A 451 5.28 33.98 -24.80
CA GLY A 451 6.01 35.24 -24.85
C GLY A 451 6.92 35.58 -23.67
N ALA A 452 6.71 34.90 -22.54
CA ALA A 452 7.51 35.18 -21.35
C ALA A 452 9.03 35.23 -21.52
N SER A 453 9.57 34.58 -22.55
CA SER A 453 11.01 34.56 -22.77
C SER A 453 11.64 35.94 -23.03
N ARG A 454 10.86 36.82 -23.67
CA ARG A 454 11.34 38.16 -24.00
C ARG A 454 11.86 38.91 -22.79
N ALA A 455 11.44 38.51 -21.60
CA ALA A 455 11.90 39.21 -20.42
C ALA A 455 13.31 38.79 -20.03
N PHE A 456 13.85 37.76 -20.69
CA PHE A 456 15.20 37.28 -20.38
C PHE A 456 16.20 37.22 -21.56
N ASP A 457 15.72 37.38 -22.79
CA ASP A 457 16.58 37.33 -23.99
C ASP A 457 18.03 37.78 -23.78
N ASP A 458 18.19 39.07 -23.55
CA ASP A 458 19.49 39.71 -23.36
C ASP A 458 20.13 39.42 -22.01
N ALA A 459 19.83 38.27 -21.42
CA ALA A 459 20.40 37.96 -20.11
C ALA A 459 21.58 37.02 -20.15
N LYS A 460 22.41 37.14 -19.14
CA LYS A 460 23.61 36.32 -18.98
C LYS A 460 23.25 35.29 -17.90
N VAL A 461 23.60 34.03 -18.12
CA VAL A 461 23.30 32.98 -17.15
C VAL A 461 24.54 32.50 -16.43
N GLU A 462 24.57 32.65 -15.11
CA GLU A 462 25.69 32.18 -14.32
C GLU A 462 25.54 30.69 -14.09
N LEU A 463 26.64 29.95 -14.24
CA LEU A 463 26.62 28.50 -14.02
C LEU A 463 27.34 28.21 -12.71
N SER A 464 26.88 27.21 -11.98
CA SER A 464 27.48 26.86 -10.68
C SER A 464 28.73 26.01 -10.83
N LYS A 465 29.30 25.58 -9.70
CA LYS A 465 30.49 24.74 -9.71
C LYS A 465 30.20 23.57 -10.64
N THR A 466 28.92 23.26 -10.76
CA THR A 466 28.43 22.20 -11.64
C THR A 466 27.85 22.90 -12.86
N GLY A 467 27.64 22.18 -13.95
CA GLY A 467 27.10 22.84 -15.13
C GLY A 467 25.66 23.29 -14.93
N MET A 468 25.35 23.86 -13.77
CA MET A 468 23.99 24.28 -13.47
C MET A 468 23.67 25.77 -13.51
N PRO A 469 22.56 26.14 -14.20
CA PRO A 469 22.14 27.54 -14.31
C PRO A 469 21.63 28.02 -12.97
N ARG A 470 22.10 29.18 -12.53
CA ARG A 470 21.65 29.75 -11.27
C ARG A 470 21.21 31.19 -11.51
N GLN A 471 22.03 32.14 -11.07
CA GLN A 471 21.74 33.56 -11.21
C GLN A 471 21.50 33.97 -12.67
N VAL A 472 20.36 34.60 -12.94
CA VAL A 472 20.05 35.08 -14.28
C VAL A 472 20.09 36.60 -14.21
N LYS A 473 21.25 37.16 -14.57
CA LYS A 473 21.45 38.61 -14.52
C LYS A 473 21.38 39.31 -15.88
N VAL A 474 21.35 40.63 -15.80
CA VAL A 474 21.32 41.50 -16.97
C VAL A 474 21.90 42.84 -16.52
N ASN A 475 22.83 43.36 -17.31
CA ASN A 475 23.54 44.61 -17.03
C ASN A 475 23.19 45.24 -15.68
N GLY A 476 23.64 44.60 -14.60
CA GLY A 476 23.36 45.16 -13.29
C GLY A 476 22.89 44.16 -12.25
N LYS A 477 21.58 44.05 -12.05
CA LYS A 477 21.09 43.12 -11.04
C LYS A 477 20.37 41.89 -11.56
N ARG A 478 20.14 40.97 -10.62
CA ARG A 478 19.50 39.68 -10.84
C ARG A 478 18.03 39.74 -11.23
N LEU A 479 17.73 39.17 -12.39
CA LEU A 479 16.36 39.14 -12.87
C LEU A 479 15.63 37.97 -12.20
N ALA A 480 16.24 36.80 -12.25
CA ALA A 480 15.67 35.60 -11.65
C ALA A 480 16.79 34.67 -11.20
N THR A 481 16.42 33.43 -10.87
CA THR A 481 17.39 32.43 -10.43
C THR A 481 16.72 31.08 -10.61
N VAL A 482 17.44 30.13 -11.21
CA VAL A 482 16.87 28.80 -11.39
C VAL A 482 17.05 28.05 -10.08
N ARG A 483 15.97 27.50 -9.55
CA ARG A 483 16.01 26.76 -8.30
C ARG A 483 16.59 25.37 -8.52
N ALA A 484 17.52 24.99 -7.65
CA ALA A 484 18.15 23.69 -7.76
C ALA A 484 17.14 22.59 -7.48
N ASP A 485 16.28 22.82 -6.49
CA ASP A 485 15.27 21.83 -6.13
C ASP A 485 14.24 21.48 -7.21
N ASP A 486 14.02 22.34 -8.20
CA ASP A 486 13.04 21.98 -9.24
C ASP A 486 13.26 22.58 -10.62
N GLY A 487 14.36 23.29 -10.80
CA GLY A 487 14.65 23.85 -12.11
C GLY A 487 13.62 24.82 -12.66
N LEU A 488 12.91 25.51 -11.78
CA LEU A 488 11.93 26.52 -12.19
C LEU A 488 12.55 27.85 -11.78
N LEU A 489 11.98 28.96 -12.22
CA LEU A 489 12.53 30.27 -11.90
C LEU A 489 11.93 30.99 -10.69
N THR A 490 12.80 31.60 -9.90
CA THR A 490 12.39 32.40 -8.74
C THR A 490 12.66 33.83 -9.21
N LEU A 491 11.60 34.63 -9.24
CA LEU A 491 11.71 36.00 -9.71
C LEU A 491 12.33 36.99 -8.74
N GLY A 492 13.11 37.90 -9.30
CA GLY A 492 13.72 38.94 -8.50
C GLY A 492 12.90 40.15 -8.88
N ILE A 493 12.79 41.13 -7.99
CA ILE A 493 11.98 42.30 -8.29
C ILE A 493 12.27 42.79 -9.71
N GLU A 494 13.54 42.75 -10.09
CA GLU A 494 13.97 43.21 -11.40
C GLU A 494 13.43 42.39 -12.56
N GLY A 495 13.11 41.14 -12.30
CA GLY A 495 12.58 40.28 -13.34
C GLY A 495 11.07 40.36 -13.39
N ALA A 496 10.47 40.58 -12.22
CA ALA A 496 9.03 40.73 -12.14
C ALA A 496 8.68 41.95 -12.99
N LYS A 497 9.48 43.00 -12.86
CA LYS A 497 9.28 44.23 -13.63
C LYS A 497 9.28 43.90 -15.11
N ARG A 498 10.29 43.16 -15.56
CA ARG A 498 10.39 42.79 -16.97
C ARG A 498 9.20 41.95 -17.44
N LEU A 499 8.80 40.97 -16.63
CA LEU A 499 7.66 40.14 -16.99
C LEU A 499 6.40 40.99 -17.05
N HIS A 500 6.30 41.92 -16.10
CA HIS A 500 5.15 42.82 -15.98
C HIS A 500 4.92 43.64 -17.26
N ARG A 501 5.99 44.18 -17.84
CA ARG A 501 5.88 44.98 -19.06
C ARG A 501 5.71 44.12 -20.30
N VAL A 502 6.38 42.97 -20.32
CA VAL A 502 6.32 42.06 -21.47
C VAL A 502 4.99 41.33 -21.64
N LEU A 503 4.38 40.94 -20.53
CA LEU A 503 3.11 40.24 -20.61
C LEU A 503 1.95 41.15 -20.31
N PRO A 504 0.88 41.04 -21.09
CA PRO A 504 -0.31 41.87 -20.91
C PRO A 504 -1.09 41.52 -19.65
N TYR A 505 -1.73 42.53 -19.06
CA TYR A 505 -2.56 42.31 -17.88
C TYR A 505 -3.66 41.39 -18.41
N PRO A 506 -4.24 40.50 -17.57
CA PRO A 506 -4.03 40.21 -16.15
C PRO A 506 -2.97 39.14 -15.84
N ARG A 507 -2.31 38.65 -16.89
CA ARG A 507 -1.29 37.62 -16.78
C ARG A 507 -0.35 37.69 -15.58
N MET A 508 -0.33 36.62 -14.78
CA MET A 508 0.53 36.56 -13.60
C MET A 508 0.16 37.53 -12.48
N ARG A 509 -0.92 38.28 -12.66
CA ARG A 509 -1.29 39.28 -11.66
C ARG A 509 -2.30 38.92 -10.58
N VAL A 510 -2.11 39.57 -9.43
CA VAL A 510 -3.00 39.44 -8.28
C VAL A 510 -3.22 40.90 -7.88
N VAL A 511 -4.43 41.37 -8.07
CA VAL A 511 -4.77 42.75 -7.73
C VAL A 511 -5.18 42.83 -6.27
N VAL A 512 -4.62 43.79 -5.55
CA VAL A 512 -4.94 43.94 -4.14
C VAL A 512 -5.56 45.29 -3.74
N ASN A 513 -6.20 45.30 -2.57
CA ASN A 513 -6.85 46.46 -1.95
C ASN A 513 -5.96 47.67 -1.89
N LYS A 514 -6.59 48.82 -1.82
CA LYS A 514 -5.84 50.06 -1.72
C LYS A 514 -5.19 49.94 -0.36
N GLU A 515 -5.93 49.38 0.59
CA GLU A 515 -5.44 49.18 1.96
C GLU A 515 -4.27 48.20 2.07
N ALA A 516 -4.23 47.21 1.19
CA ALA A 516 -3.16 46.23 1.19
C ALA A 516 -1.90 46.75 0.53
N GLU A 517 -2.08 47.67 -0.41
CA GLU A 517 -0.98 48.27 -1.19
C GLU A 517 0.33 48.58 -0.46
N PRO A 518 0.28 49.43 0.59
CA PRO A 518 1.46 49.82 1.38
C PRO A 518 2.28 48.63 1.86
N PHE A 519 1.58 47.57 2.26
CA PHE A 519 2.17 46.33 2.77
C PHE A 519 2.95 45.58 1.72
N ALA A 520 2.34 45.39 0.54
CA ALA A 520 3.01 44.70 -0.54
C ALA A 520 4.29 45.46 -0.83
N ARG A 521 4.18 46.78 -0.96
CA ARG A 521 5.34 47.62 -1.22
C ARG A 521 6.47 47.38 -0.23
N LYS A 522 6.12 47.26 1.05
CA LYS A 522 7.10 47.03 2.10
C LYS A 522 7.56 45.57 2.13
N GLY A 523 6.92 44.72 1.34
CA GLY A 523 7.31 43.32 1.29
C GLY A 523 6.47 42.29 2.04
N LYS A 524 5.54 42.73 2.89
CA LYS A 524 4.71 41.78 3.65
C LYS A 524 3.91 40.87 2.72
N ASP A 525 3.54 39.69 3.20
CA ASP A 525 2.78 38.78 2.36
C ASP A 525 1.37 39.30 2.11
N VAL A 526 0.76 38.83 1.03
CA VAL A 526 -0.58 39.23 0.63
C VAL A 526 -1.63 38.26 1.15
N PHE A 527 -2.58 38.77 1.92
CA PHE A 527 -3.63 37.91 2.44
C PHE A 527 -4.86 37.92 1.53
N ALA A 528 -5.44 36.75 1.34
CA ALA A 528 -6.59 36.56 0.48
C ALA A 528 -7.71 37.58 0.60
N LYS A 529 -8.10 37.93 1.83
CA LYS A 529 -9.20 38.89 1.96
C LYS A 529 -8.91 40.23 1.31
N PHE A 530 -7.63 40.51 1.09
CA PHE A 530 -7.27 41.77 0.47
C PHE A 530 -7.09 41.64 -1.04
N VAL A 531 -7.43 40.48 -1.60
CA VAL A 531 -7.27 40.30 -3.05
C VAL A 531 -8.61 40.55 -3.75
N ILE A 532 -8.65 41.55 -4.62
CA ILE A 532 -9.88 41.84 -5.32
C ILE A 532 -9.97 41.09 -6.64
N PHE A 533 -8.81 40.72 -7.21
CA PHE A 533 -8.80 40.00 -8.47
C PHE A 533 -7.45 39.37 -8.80
N ALA A 534 -7.47 38.23 -9.49
CA ALA A 534 -6.22 37.57 -9.86
C ALA A 534 -6.39 36.79 -11.15
N ASP A 535 -5.27 36.63 -11.87
CA ASP A 535 -5.26 35.89 -13.12
C ASP A 535 -5.81 34.49 -12.84
N PRO A 536 -6.84 34.07 -13.58
CA PRO A 536 -7.48 32.76 -13.43
C PRO A 536 -6.51 31.61 -13.68
N GLY A 537 -5.52 31.87 -14.52
CA GLY A 537 -4.54 30.86 -14.86
C GLY A 537 -3.58 30.51 -13.74
N ILE A 538 -3.47 31.37 -12.74
CA ILE A 538 -2.58 31.13 -11.62
C ILE A 538 -2.89 29.81 -10.88
N ARG A 539 -1.83 29.02 -10.70
CA ARG A 539 -1.91 27.74 -10.00
C ARG A 539 -1.05 27.84 -8.74
N PRO A 540 -1.38 27.04 -7.73
CA PRO A 540 -0.60 27.09 -6.49
C PRO A 540 0.91 26.98 -6.70
N TYR A 541 1.65 27.81 -5.96
CA TYR A 541 3.11 27.88 -6.00
C TYR A 541 3.73 28.51 -7.25
N ASP A 542 2.89 29.18 -8.05
CA ASP A 542 3.33 29.87 -9.25
C ASP A 542 4.04 31.14 -8.81
N GLU A 543 4.87 31.70 -9.69
CA GLU A 543 5.54 32.97 -9.40
C GLU A 543 4.44 33.98 -9.72
N VAL A 544 4.31 34.99 -8.88
CA VAL A 544 3.22 35.92 -9.05
C VAL A 544 3.58 37.40 -8.99
N LEU A 545 2.89 38.20 -9.80
CA LEU A 545 3.10 39.64 -9.85
C LEU A 545 2.01 40.35 -9.04
N VAL A 546 2.41 40.91 -7.89
CA VAL A 546 1.46 41.60 -7.03
C VAL A 546 1.29 43.01 -7.57
N VAL A 547 0.05 43.42 -7.70
CA VAL A 547 -0.21 44.71 -8.29
C VAL A 547 -1.46 45.39 -7.71
N ASN A 548 -1.61 46.69 -7.97
CA ASN A 548 -2.78 47.45 -7.52
C ASN A 548 -3.79 47.53 -8.66
N GLU A 549 -4.91 48.17 -8.42
CA GLU A 549 -5.95 48.26 -9.44
C GLU A 549 -5.50 48.96 -10.72
N ASN A 550 -4.36 49.64 -10.64
CA ASN A 550 -3.82 50.37 -11.78
C ASN A 550 -2.72 49.57 -12.46
N ASP A 551 -2.61 48.31 -12.09
CA ASP A 551 -1.60 47.42 -12.62
C ASP A 551 -0.17 47.94 -12.38
N GLU A 552 0.04 48.48 -11.18
CA GLU A 552 1.37 48.96 -10.79
C GLU A 552 2.04 47.90 -9.93
N LEU A 553 3.22 47.49 -10.34
CA LEU A 553 3.94 46.47 -9.60
C LEU A 553 4.13 46.93 -8.16
N LEU A 554 3.76 46.08 -7.21
CA LEU A 554 3.91 46.39 -5.78
C LEU A 554 4.96 45.46 -5.16
N ALA A 555 5.02 44.22 -5.66
CA ALA A 555 5.96 43.24 -5.16
C ALA A 555 5.85 41.94 -5.94
N THR A 556 6.78 41.02 -5.70
CA THR A 556 6.76 39.73 -6.38
C THR A 556 6.84 38.62 -5.35
N GLY A 557 6.13 37.52 -5.61
CA GLY A 557 6.15 36.42 -4.67
C GLY A 557 5.64 35.10 -5.24
N GLN A 558 5.30 34.18 -4.35
CA GLN A 558 4.80 32.86 -4.76
C GLN A 558 3.37 32.65 -4.23
N ALA A 559 2.49 32.17 -5.11
CA ALA A 559 1.10 31.91 -4.76
C ALA A 559 0.88 30.65 -3.90
N LEU A 560 -0.08 30.72 -2.98
CA LEU A 560 -0.40 29.57 -2.13
C LEU A 560 -1.74 29.02 -2.56
N LEU A 561 -2.54 29.89 -3.20
CA LEU A 561 -3.85 29.53 -3.70
C LEU A 561 -3.84 29.73 -5.20
N SER A 562 -4.89 29.28 -5.87
CA SER A 562 -5.00 29.44 -7.31
C SER A 562 -5.73 30.75 -7.55
N GLY A 563 -5.58 31.29 -8.75
CA GLY A 563 -6.23 32.54 -9.09
C GLY A 563 -7.64 32.65 -8.52
N ARG A 564 -8.51 31.72 -8.89
CA ARG A 564 -9.88 31.75 -8.41
C ARG A 564 -10.00 31.73 -6.89
N GLU A 565 -9.23 30.87 -6.24
CA GLU A 565 -9.31 30.78 -4.80
C GLU A 565 -8.93 32.10 -4.16
N MET A 566 -7.88 32.73 -4.69
CA MET A 566 -7.41 34.02 -4.15
C MET A 566 -8.55 35.01 -4.05
N ILE A 567 -9.51 34.90 -4.95
CA ILE A 567 -10.62 35.82 -4.93
C ILE A 567 -11.67 35.43 -3.90
N VAL A 568 -12.08 34.17 -3.92
CA VAL A 568 -13.11 33.68 -3.01
C VAL A 568 -12.71 33.71 -1.55
N PHE A 569 -11.51 33.23 -1.26
CA PHE A 569 -11.05 33.18 0.12
C PHE A 569 -11.01 34.51 0.83
N GLN A 570 -11.30 34.48 2.13
CA GLN A 570 -11.31 35.65 2.98
C GLN A 570 -10.39 35.42 4.18
N TYR A 571 -9.67 34.31 4.15
CA TYR A 571 -8.73 33.99 5.23
C TYR A 571 -7.54 33.28 4.63
N GLY A 572 -6.38 33.44 5.26
CA GLY A 572 -5.18 32.79 4.76
C GLY A 572 -4.37 33.71 3.87
N ARG A 573 -3.19 33.25 3.47
CA ARG A 573 -2.34 34.05 2.61
C ARG A 573 -2.50 33.61 1.16
N ALA A 574 -2.68 34.58 0.28
CA ALA A 574 -2.83 34.27 -1.13
C ALA A 574 -1.44 34.27 -1.74
N VAL A 575 -0.56 35.11 -1.19
CA VAL A 575 0.79 35.21 -1.73
C VAL A 575 1.90 35.34 -0.69
N LYS A 576 2.93 34.55 -0.88
CA LYS A 576 4.10 34.60 0.00
C LYS A 576 5.00 35.56 -0.78
N VAL A 577 5.29 36.73 -0.21
CA VAL A 577 6.09 37.73 -0.90
C VAL A 577 7.60 37.63 -0.70
N ARG A 578 8.32 37.66 -1.83
CA ARG A 578 9.78 37.58 -1.88
C ARG A 578 10.40 38.94 -1.66
N LYS A 579 10.09 39.88 -2.55
CA LYS A 579 10.61 41.22 -2.40
C LYS A 579 9.58 42.23 -2.89
N GLY A 580 9.53 43.37 -2.21
CA GLY A 580 8.60 44.41 -2.60
C GLY A 580 9.35 45.44 -3.41
N VAL A 581 8.61 46.30 -4.11
CA VAL A 581 9.26 47.33 -4.91
C VAL A 581 10.00 48.36 -4.08
N GLU A 582 9.57 48.60 -2.86
CA GLU A 582 10.26 49.57 -2.01
C GLU A 582 11.39 48.91 -1.22
N LYS B 6 20.64 -33.11 9.14
CA LYS B 6 19.68 -33.65 10.14
C LYS B 6 19.70 -32.88 11.46
N MET B 7 20.36 -31.72 11.45
CA MET B 7 20.44 -30.89 12.65
C MET B 7 19.53 -29.65 12.53
N LEU B 8 18.78 -29.58 11.43
CA LEU B 8 17.85 -28.49 11.16
C LEU B 8 16.65 -29.00 10.37
N LYS B 9 15.46 -28.79 10.91
CA LYS B 9 14.24 -29.21 10.23
C LYS B 9 13.57 -27.98 9.62
N PHE B 10 12.86 -28.17 8.51
CA PHE B 10 12.14 -27.09 7.86
C PHE B 10 10.89 -27.68 7.20
N GLU B 11 9.74 -27.17 7.60
CA GLU B 11 8.48 -27.65 7.08
C GLU B 11 7.58 -26.47 6.66
N ILE B 12 6.80 -26.70 5.60
CA ILE B 12 5.89 -25.70 5.07
C ILE B 12 4.51 -25.76 5.74
N LYS B 13 4.18 -24.78 6.58
CA LYS B 13 2.87 -24.75 7.27
C LYS B 13 1.77 -24.20 6.35
N ALA B 14 2.10 -23.20 5.54
CA ALA B 14 1.13 -22.61 4.62
C ALA B 14 1.87 -21.97 3.46
N ARG B 15 1.14 -21.58 2.43
CA ARG B 15 1.79 -20.99 1.26
C ARG B 15 0.84 -20.22 0.36
N ASP B 16 1.44 -19.43 -0.53
CA ASP B 16 0.72 -18.65 -1.53
C ASP B 16 1.79 -18.17 -2.50
N GLY B 17 1.46 -18.12 -3.78
CA GLY B 17 2.47 -17.72 -4.76
C GLY B 17 3.64 -18.67 -4.52
N ALA B 18 4.87 -18.17 -4.68
CA ALA B 18 6.03 -19.03 -4.43
C ALA B 18 6.47 -18.84 -2.98
N GLY B 19 5.68 -18.11 -2.20
CA GLY B 19 6.02 -17.88 -0.81
C GLY B 19 5.45 -18.92 0.12
N ARG B 20 5.89 -18.91 1.38
CA ARG B 20 5.43 -19.90 2.33
C ARG B 20 5.75 -19.58 3.78
N ILE B 21 4.81 -19.90 4.66
CA ILE B 21 5.01 -19.71 6.09
C ILE B 21 5.58 -21.04 6.54
N GLY B 22 6.70 -21.00 7.26
CA GLY B 22 7.28 -22.26 7.67
C GLY B 22 7.72 -22.41 9.10
N LYS B 23 7.93 -23.67 9.47
CA LYS B 23 8.38 -24.04 10.80
C LYS B 23 9.84 -24.44 10.65
N LEU B 24 10.72 -23.72 11.34
CA LEU B 24 12.15 -23.97 11.30
C LEU B 24 12.64 -24.28 12.70
N GLU B 25 13.09 -25.51 12.89
CA GLU B 25 13.57 -26.00 14.19
C GLU B 25 15.07 -26.30 14.13
N VAL B 26 15.82 -25.70 15.05
CA VAL B 26 17.28 -25.89 15.14
C VAL B 26 17.67 -25.89 16.61
N ASN B 27 18.47 -26.88 17.02
CA ASN B 27 18.91 -27.03 18.40
C ASN B 27 17.70 -27.13 19.34
N GLY B 28 16.62 -27.66 18.80
CA GLY B 28 15.41 -27.80 19.59
C GLY B 28 14.68 -26.49 19.71
N LYS B 29 15.15 -25.47 18.99
CA LYS B 29 14.50 -24.16 19.04
C LYS B 29 13.63 -23.96 17.79
N LYS B 30 12.45 -23.39 17.99
CA LYS B 30 11.53 -23.16 16.89
C LYS B 30 11.27 -21.69 16.62
N ILE B 31 11.10 -21.37 15.34
CA ILE B 31 10.81 -20.02 14.88
C ILE B 31 9.92 -20.24 13.66
N GLU B 32 9.06 -19.28 13.36
CA GLU B 32 8.19 -19.39 12.19
C GLU B 32 8.83 -18.52 11.11
N THR B 33 8.56 -18.81 9.84
CA THR B 33 9.10 -17.99 8.75
C THR B 33 7.95 -17.58 7.84
N PRO B 34 8.11 -16.49 7.06
CA PRO B 34 9.28 -15.62 6.97
C PRO B 34 9.65 -14.98 8.30
N ALA B 35 10.95 -14.85 8.54
CA ALA B 35 11.45 -14.25 9.75
C ALA B 35 12.63 -13.39 9.39
N ILE B 36 12.77 -12.29 10.11
CA ILE B 36 13.84 -11.33 9.91
C ILE B 36 14.71 -11.32 11.15
N MET B 37 15.97 -11.67 11.00
CA MET B 37 16.88 -11.69 12.15
C MET B 37 17.63 -10.38 12.29
N PRO B 38 17.39 -9.66 13.38
CA PRO B 38 18.08 -8.39 13.59
C PRO B 38 19.58 -8.60 13.69
N VAL B 39 20.34 -7.80 12.96
CA VAL B 39 21.79 -7.91 13.01
C VAL B 39 22.28 -7.28 14.30
N VAL B 40 23.10 -8.02 15.05
CA VAL B 40 23.61 -7.50 16.30
C VAL B 40 25.12 -7.29 16.25
N ASN B 41 25.54 -6.04 16.38
CA ASN B 41 26.95 -5.70 16.40
C ASN B 41 27.49 -6.01 17.79
N PRO B 42 28.46 -6.95 17.86
CA PRO B 42 29.10 -7.40 19.11
C PRO B 42 29.54 -6.23 19.98
N LYS B 43 30.10 -5.20 19.36
CA LYS B 43 30.57 -4.03 20.08
C LYS B 43 29.44 -3.07 20.46
N GLN B 44 29.13 -2.12 19.57
CA GLN B 44 28.08 -1.15 19.82
C GLN B 44 26.71 -1.85 19.71
N MET B 45 25.81 -1.57 20.65
CA MET B 45 24.48 -2.20 20.62
C MET B 45 23.32 -1.24 20.95
N VAL B 46 22.78 -0.58 19.93
CA VAL B 46 21.69 0.35 20.12
C VAL B 46 20.54 -0.24 20.94
N VAL B 47 20.15 -1.47 20.61
CA VAL B 47 19.10 -2.15 21.34
C VAL B 47 19.58 -3.57 21.66
N GLU B 48 19.72 -3.84 22.96
CA GLU B 48 20.19 -5.11 23.50
C GLU B 48 19.42 -6.36 23.05
N PRO B 49 20.14 -7.44 22.78
CA PRO B 49 19.53 -8.71 22.35
C PRO B 49 18.40 -9.17 23.28
N LYS B 50 18.64 -9.08 24.59
CA LYS B 50 17.64 -9.49 25.59
C LYS B 50 16.35 -8.69 25.37
N GLU B 51 16.52 -7.45 24.88
CA GLU B 51 15.41 -6.55 24.59
C GLU B 51 14.73 -7.07 23.33
N LEU B 52 15.54 -7.28 22.29
CA LEU B 52 15.07 -7.79 21.01
C LEU B 52 14.26 -9.06 21.20
N GLU B 53 14.67 -9.89 22.15
CA GLU B 53 13.95 -11.13 22.39
C GLU B 53 12.57 -10.91 22.97
N LYS B 54 12.46 -9.99 23.92
CA LYS B 54 11.15 -9.70 24.50
C LYS B 54 10.21 -9.16 23.43
N MET B 55 10.73 -8.30 22.57
CA MET B 55 9.94 -7.74 21.48
C MET B 55 9.42 -8.83 20.58
N GLY B 56 10.13 -9.95 20.48
CA GLY B 56 9.67 -11.04 19.66
C GLY B 56 10.64 -11.65 18.66
N PHE B 57 11.84 -11.12 18.60
CA PHE B 57 12.80 -11.69 17.67
C PHE B 57 13.43 -12.93 18.27
N GLU B 58 12.98 -14.09 17.79
CA GLU B 58 13.48 -15.37 18.27
C GLU B 58 14.77 -15.81 17.60
N ILE B 59 15.18 -15.08 16.58
CA ILE B 59 16.41 -15.39 15.89
C ILE B 59 17.14 -14.08 15.59
N ILE B 60 18.46 -14.11 15.73
CA ILE B 60 19.28 -12.95 15.49
C ILE B 60 20.61 -13.39 14.86
N ILE B 61 21.35 -12.47 14.28
CA ILE B 61 22.64 -12.81 13.68
C ILE B 61 23.74 -11.85 14.11
N THR B 62 24.96 -12.37 14.30
CA THR B 62 26.10 -11.54 14.68
C THR B 62 27.28 -11.78 13.77
N ASN B 63 28.36 -11.05 14.00
CA ASN B 63 29.56 -11.13 13.17
C ASN B 63 30.67 -11.86 13.90
N SER B 64 30.73 -13.18 13.75
CA SER B 64 31.77 -13.98 14.41
C SER B 64 33.16 -13.42 14.17
N TYR B 65 33.45 -13.05 12.93
CA TYR B 65 34.76 -12.51 12.58
C TYR B 65 35.15 -11.31 13.44
N ILE B 66 34.19 -10.45 13.76
CA ILE B 66 34.48 -9.28 14.57
C ILE B 66 34.74 -9.73 15.99
N ILE B 67 34.03 -10.76 16.41
CA ILE B 67 34.19 -11.32 17.74
C ILE B 67 35.57 -11.99 17.81
N TYR B 68 36.00 -12.54 16.68
CA TYR B 68 37.28 -13.21 16.55
C TYR B 68 38.45 -12.25 16.65
N LYS B 69 38.42 -11.19 15.84
CA LYS B 69 39.49 -10.20 15.83
C LYS B 69 39.52 -9.29 17.05
N ASP B 70 38.87 -9.71 18.14
CA ASP B 70 38.85 -8.90 19.36
C ASP B 70 39.12 -9.72 20.63
N GLU B 71 40.21 -9.38 21.32
CA GLU B 71 40.60 -10.07 22.56
C GLU B 71 39.44 -10.13 23.54
N GLU B 72 38.87 -8.97 23.83
CA GLU B 72 37.75 -8.86 24.74
C GLU B 72 36.63 -9.84 24.42
N LEU B 73 36.05 -9.67 23.23
CA LEU B 73 34.96 -10.51 22.78
C LEU B 73 35.35 -11.98 22.65
N ARG B 74 36.46 -12.23 21.97
CA ARG B 74 36.97 -13.60 21.76
C ARG B 74 36.92 -14.35 23.08
N ARG B 75 37.41 -13.70 24.11
CA ARG B 75 37.47 -14.24 25.48
C ARG B 75 36.08 -14.62 25.97
N LYS B 76 35.25 -13.61 26.20
CA LYS B 76 33.90 -13.82 26.70
C LYS B 76 33.13 -14.83 25.87
N ALA B 77 33.45 -14.91 24.58
CA ALA B 77 32.77 -15.83 23.68
C ALA B 77 33.11 -17.28 23.99
N LEU B 78 34.41 -17.58 24.05
CA LEU B 78 34.87 -18.92 24.35
C LEU B 78 34.49 -19.32 25.78
N GLU B 79 34.57 -18.35 26.69
CA GLU B 79 34.24 -18.57 28.09
C GLU B 79 32.78 -18.96 28.30
N LEU B 80 31.86 -18.16 27.75
CA LEU B 80 30.43 -18.39 27.93
C LEU B 80 29.60 -18.82 26.71
N GLY B 81 30.19 -18.79 25.52
CA GLY B 81 29.43 -19.15 24.32
C GLY B 81 28.46 -18.02 24.01
N ILE B 82 28.44 -17.54 22.78
CA ILE B 82 27.57 -16.41 22.39
C ILE B 82 26.21 -16.31 23.07
N HIS B 83 25.65 -17.43 23.51
CA HIS B 83 24.34 -17.39 24.15
C HIS B 83 24.29 -16.58 25.45
N ARG B 84 25.31 -16.71 26.29
CA ARG B 84 25.36 -15.97 27.56
C ARG B 84 26.03 -14.62 27.34
N MET B 85 26.94 -14.57 26.38
CA MET B 85 27.64 -13.34 26.08
C MET B 85 26.71 -12.34 25.41
N LEU B 86 25.51 -12.78 25.10
CA LEU B 86 24.52 -11.92 24.45
C LEU B 86 23.24 -11.90 25.26
N ASP B 87 23.17 -12.74 26.29
CA ASP B 87 21.98 -12.75 27.12
C ASP B 87 20.79 -12.94 26.21
N TYR B 88 20.94 -13.87 25.27
CA TYR B 88 19.90 -14.19 24.29
C TYR B 88 19.68 -15.70 24.29
N ASN B 89 18.43 -16.13 24.47
CA ASN B 89 18.11 -17.55 24.51
C ASN B 89 17.42 -18.04 23.24
N GLY B 90 17.56 -17.29 22.16
CA GLY B 90 16.96 -17.70 20.91
C GLY B 90 17.98 -18.33 19.99
N ILE B 91 17.64 -18.44 18.71
CA ILE B 91 18.52 -19.01 17.71
C ILE B 91 19.53 -17.96 17.29
N ILE B 92 20.81 -18.19 17.58
CA ILE B 92 21.83 -17.24 17.19
C ILE B 92 22.54 -17.74 15.95
N GLU B 93 22.41 -16.99 14.87
CA GLU B 93 23.05 -17.30 13.60
C GLU B 93 24.31 -16.45 13.69
N VAL B 94 25.30 -16.72 12.87
CA VAL B 94 26.53 -15.93 12.93
C VAL B 94 27.09 -15.86 11.52
N ASP B 95 27.63 -14.71 11.14
CA ASP B 95 28.20 -14.58 9.80
C ASP B 95 29.74 -14.72 9.84
N SER B 96 30.31 -15.20 8.73
CA SER B 96 31.74 -15.44 8.62
C SER B 96 32.66 -14.23 8.63
N GLY B 97 32.16 -13.13 8.08
CA GLY B 97 32.98 -11.94 7.99
C GLY B 97 33.22 -11.75 6.51
N SER B 98 32.64 -12.64 5.71
CA SER B 98 32.80 -12.53 4.28
C SER B 98 32.24 -11.19 3.83
N PHE B 99 31.40 -10.58 4.67
CA PHE B 99 30.86 -9.29 4.30
C PHE B 99 31.93 -8.23 4.48
N GLN B 100 32.77 -8.39 5.50
CA GLN B 100 33.85 -7.45 5.69
C GLN B 100 34.75 -7.64 4.49
N LEU B 101 34.80 -8.88 4.00
CA LEU B 101 35.60 -9.23 2.83
C LEU B 101 35.10 -8.50 1.58
N MET B 102 33.81 -8.13 1.60
CA MET B 102 33.19 -7.42 0.49
C MET B 102 33.50 -5.92 0.55
N LYS B 103 33.46 -5.36 1.75
CA LYS B 103 33.74 -3.94 1.94
C LYS B 103 35.21 -3.56 1.85
N TYR B 104 36.12 -4.51 1.97
CA TYR B 104 37.54 -4.18 1.95
C TYR B 104 38.42 -4.93 0.97
N GLY B 105 38.05 -6.15 0.62
CA GLY B 105 38.87 -6.89 -0.31
C GLY B 105 39.70 -8.01 0.31
N SER B 106 39.66 -8.15 1.64
CA SER B 106 40.41 -9.22 2.29
C SER B 106 40.40 -9.23 3.81
N ILE B 107 39.82 -10.26 4.41
CA ILE B 107 39.84 -10.34 5.87
C ILE B 107 41.10 -11.09 6.29
N GLU B 108 41.31 -11.19 7.61
CA GLU B 108 42.49 -11.86 8.15
C GLU B 108 42.16 -13.12 8.93
N VAL B 109 41.47 -14.04 8.27
CA VAL B 109 41.09 -15.29 8.90
C VAL B 109 40.87 -16.34 7.81
N SER B 110 41.11 -17.60 8.14
CA SER B 110 40.93 -18.67 7.17
C SER B 110 39.53 -19.26 7.20
N ASN B 111 39.09 -19.78 6.06
CA ASN B 111 37.78 -20.38 6.00
C ASN B 111 37.68 -21.39 7.14
N ARG B 112 38.80 -22.07 7.41
CA ARG B 112 38.81 -23.08 8.47
C ARG B 112 38.71 -22.44 9.85
N GLU B 113 39.52 -21.40 10.06
CA GLU B 113 39.55 -20.68 11.33
C GLU B 113 38.18 -20.25 11.85
N ILE B 114 37.44 -19.42 11.11
CA ILE B 114 36.14 -19.00 11.62
C ILE B 114 35.12 -20.13 11.78
N ILE B 115 35.15 -21.11 10.88
CA ILE B 115 34.20 -22.21 11.02
C ILE B 115 34.40 -22.88 12.37
N GLU B 116 35.66 -23.10 12.74
CA GLU B 116 35.99 -23.74 14.00
C GLU B 116 35.62 -22.86 15.18
N PHE B 117 35.90 -21.56 15.06
CA PHE B 117 35.62 -20.61 16.11
C PHE B 117 34.13 -20.63 16.40
N GLN B 118 33.35 -20.70 15.32
CA GLN B 118 31.91 -20.76 15.43
C GLN B 118 31.51 -21.99 16.25
N HIS B 119 32.09 -23.14 15.90
CA HIS B 119 31.83 -24.40 16.60
C HIS B 119 32.11 -24.23 18.09
N ARG B 120 33.22 -23.58 18.40
CA ARG B 120 33.63 -23.38 19.77
C ARG B 120 32.85 -22.35 20.58
N ILE B 121 32.17 -21.41 19.94
CA ILE B 121 31.41 -20.42 20.72
C ILE B 121 29.93 -20.71 20.89
N GLY B 122 29.50 -21.91 20.48
CA GLY B 122 28.11 -22.28 20.67
C GLY B 122 27.08 -21.83 19.65
N VAL B 123 27.55 -21.26 18.55
CA VAL B 123 26.68 -20.79 17.48
C VAL B 123 25.61 -21.83 17.12
N ASP B 124 24.38 -21.40 16.87
CA ASP B 124 23.32 -22.32 16.47
C ASP B 124 23.39 -22.58 14.96
N ILE B 125 23.78 -21.56 14.21
CA ILE B 125 23.88 -21.65 12.76
C ILE B 125 25.06 -20.82 12.30
N GLY B 126 25.99 -21.45 11.58
CA GLY B 126 27.16 -20.73 11.12
C GLY B 126 27.20 -20.42 9.64
N THR B 127 28.30 -19.81 9.21
CA THR B 127 28.49 -19.43 7.81
C THR B 127 29.97 -19.57 7.47
N PHE B 128 30.28 -19.98 6.24
CA PHE B 128 31.68 -20.08 5.85
C PHE B 128 32.05 -18.86 5.04
N LEU B 129 33.33 -18.72 4.72
CA LEU B 129 33.83 -17.57 3.97
C LEU B 129 33.51 -17.51 2.49
N ASP B 130 32.23 -17.38 2.15
CA ASP B 130 31.82 -17.28 0.75
C ASP B 130 32.23 -15.89 0.29
N ILE B 131 32.62 -15.74 -0.97
CA ILE B 131 33.05 -14.44 -1.48
C ILE B 131 31.91 -13.68 -2.16
N PRO B 132 31.49 -12.54 -1.59
CA PRO B 132 30.39 -11.77 -2.21
C PRO B 132 30.90 -10.94 -3.39
N THR B 133 30.82 -11.48 -4.60
CA THR B 133 31.27 -10.74 -5.76
C THR B 133 30.31 -9.57 -5.96
N PRO B 134 30.82 -8.37 -6.24
CA PRO B 134 29.87 -7.27 -6.42
C PRO B 134 28.96 -7.53 -7.63
N PRO B 135 27.88 -6.75 -7.74
CA PRO B 135 26.91 -6.87 -8.83
C PRO B 135 27.43 -7.01 -10.24
N ASP B 136 27.94 -5.93 -10.81
CA ASP B 136 28.38 -6.00 -12.19
C ASP B 136 29.86 -6.23 -12.39
N ALA B 137 30.34 -7.34 -11.83
CA ALA B 137 31.76 -7.68 -11.94
C ALA B 137 32.04 -8.35 -13.27
N PRO B 138 33.32 -8.40 -13.66
CA PRO B 138 33.72 -9.04 -14.92
C PRO B 138 33.50 -10.54 -14.73
N ARG B 139 32.92 -11.20 -15.73
CA ARG B 139 32.65 -12.64 -15.62
C ARG B 139 33.84 -13.43 -15.07
N GLU B 140 35.04 -13.09 -15.51
CA GLU B 140 36.22 -13.81 -15.02
C GLU B 140 36.27 -13.77 -13.50
N GLN B 141 36.08 -12.58 -12.92
CA GLN B 141 36.10 -12.42 -11.46
C GLN B 141 34.96 -13.18 -10.80
N ALA B 142 33.77 -13.07 -11.37
CA ALA B 142 32.60 -13.74 -10.83
C ALA B 142 32.86 -15.24 -10.79
N VAL B 143 33.49 -15.77 -11.84
CA VAL B 143 33.78 -17.19 -11.93
C VAL B 143 34.96 -17.57 -11.02
N LYS B 144 36.01 -16.76 -11.04
CA LYS B 144 37.16 -17.03 -10.20
C LYS B 144 36.65 -17.21 -8.77
N GLU B 145 36.06 -16.14 -8.23
CA GLU B 145 35.54 -16.13 -6.87
C GLU B 145 34.54 -17.24 -6.56
N LEU B 146 33.65 -17.54 -7.51
CA LEU B 146 32.67 -18.59 -7.28
C LEU B 146 33.35 -19.92 -6.97
N GLU B 147 34.38 -20.25 -7.73
CA GLU B 147 35.07 -21.51 -7.49
C GLU B 147 35.71 -21.51 -6.12
N ILE B 148 36.29 -20.37 -5.74
CA ILE B 148 36.94 -20.24 -4.45
C ILE B 148 35.89 -20.45 -3.37
N THR B 149 34.72 -19.84 -3.59
CA THR B 149 33.62 -19.97 -2.66
C THR B 149 33.30 -21.45 -2.51
N LEU B 150 33.17 -22.12 -3.65
CA LEU B 150 32.84 -23.55 -3.67
C LEU B 150 33.89 -24.44 -3.02
N SER B 151 35.16 -24.09 -3.14
CA SER B 151 36.19 -24.92 -2.55
C SER B 151 36.04 -24.81 -1.03
N ARG B 152 35.80 -23.60 -0.56
CA ARG B 152 35.63 -23.37 0.86
C ARG B 152 34.36 -24.07 1.29
N ALA B 153 33.43 -24.23 0.35
CA ALA B 153 32.18 -24.90 0.64
C ALA B 153 32.47 -26.37 0.95
N ARG B 154 33.30 -27.00 0.13
CA ARG B 154 33.69 -28.39 0.32
C ARG B 154 34.36 -28.60 1.67
N GLU B 155 35.23 -27.66 2.05
CA GLU B 155 35.93 -27.77 3.32
C GLU B 155 34.94 -27.67 4.45
N ALA B 156 33.97 -26.77 4.31
CA ALA B 156 32.95 -26.58 5.33
C ALA B 156 32.15 -27.86 5.48
N GLU B 157 31.82 -28.49 4.36
CA GLU B 157 31.05 -29.74 4.38
C GLU B 157 31.78 -30.83 5.18
N GLU B 158 33.10 -30.87 5.03
CA GLU B 158 33.91 -31.87 5.74
C GLU B 158 33.93 -31.57 7.23
N ILE B 159 34.66 -30.51 7.60
CA ILE B 159 34.85 -30.11 8.98
C ILE B 159 33.64 -29.51 9.69
N LYS B 160 32.49 -29.53 9.02
CA LYS B 160 31.25 -29.00 9.59
C LYS B 160 30.84 -29.84 10.79
N GLU B 161 30.36 -29.19 11.84
CA GLU B 161 29.91 -29.88 13.04
C GLU B 161 28.61 -29.25 13.53
N ILE B 162 28.24 -28.14 12.90
CA ILE B 162 27.04 -27.39 13.26
C ILE B 162 26.25 -27.04 11.98
N PRO B 163 24.98 -26.61 12.12
CA PRO B 163 24.28 -26.27 10.88
C PRO B 163 24.97 -25.07 10.22
N MET B 164 24.96 -25.00 8.90
CA MET B 164 25.62 -23.89 8.21
C MET B 164 24.93 -23.31 6.99
N ASN B 165 25.29 -22.06 6.71
CA ASN B 165 24.78 -21.30 5.57
C ASN B 165 25.68 -21.55 4.36
N ALA B 166 25.06 -21.83 3.22
CA ALA B 166 25.82 -22.06 1.99
C ALA B 166 25.26 -21.04 1.02
N THR B 167 25.92 -19.88 0.95
CA THR B 167 25.48 -18.75 0.12
C THR B 167 25.65 -18.86 -1.39
N ILE B 168 24.52 -18.85 -2.12
CA ILE B 168 24.55 -18.90 -3.57
C ILE B 168 25.23 -17.59 -3.95
N GLN B 169 26.17 -17.64 -4.88
CA GLN B 169 26.93 -16.43 -5.14
C GLN B 169 27.45 -16.20 -6.57
N GLY B 170 26.62 -16.21 -7.61
CA GLY B 170 27.19 -15.97 -8.93
C GLY B 170 27.29 -14.54 -9.50
N SER B 171 27.24 -13.53 -8.64
CA SER B 171 27.29 -12.15 -9.09
C SER B 171 25.99 -11.88 -9.84
N THR B 172 26.03 -11.11 -10.92
CA THR B 172 24.79 -10.84 -11.67
C THR B 172 24.65 -11.71 -12.91
N TYR B 173 25.28 -12.88 -12.87
CA TYR B 173 25.20 -13.82 -14.00
C TYR B 173 24.25 -14.94 -13.67
N THR B 174 23.05 -14.89 -14.25
CA THR B 174 22.03 -15.91 -13.98
C THR B 174 22.60 -17.31 -14.10
N ASP B 175 23.33 -17.58 -15.17
CA ASP B 175 23.91 -18.90 -15.36
C ASP B 175 24.82 -19.27 -14.19
N LEU B 176 25.51 -18.30 -13.61
CA LEU B 176 26.39 -18.60 -12.49
C LEU B 176 25.61 -18.87 -11.22
N ARG B 177 24.51 -18.13 -11.02
CA ARG B 177 23.69 -18.33 -9.84
C ARG B 177 23.13 -19.75 -9.88
N ARG B 178 22.65 -20.13 -11.06
CA ARG B 178 22.07 -21.45 -11.29
C ARG B 178 23.08 -22.54 -10.96
N TYR B 179 24.30 -22.39 -11.46
CA TYR B 179 25.36 -23.36 -11.21
C TYR B 179 25.65 -23.46 -9.71
N ALA B 180 25.90 -22.32 -9.09
CA ALA B 180 26.20 -22.26 -7.67
C ALA B 180 25.10 -22.92 -6.85
N ALA B 181 23.86 -22.49 -7.01
CA ALA B 181 22.75 -23.08 -6.25
C ALA B 181 22.79 -24.59 -6.45
N ARG B 182 22.83 -24.98 -7.72
CA ARG B 182 22.89 -26.38 -8.15
C ARG B 182 23.93 -27.17 -7.35
N ARG B 183 25.17 -26.71 -7.39
CA ARG B 183 26.25 -27.39 -6.71
C ARG B 183 26.15 -27.40 -5.18
N LEU B 184 25.58 -26.34 -4.59
CA LEU B 184 25.45 -26.29 -3.14
C LEU B 184 24.27 -27.13 -2.67
N SER B 185 23.31 -27.40 -3.56
CA SER B 185 22.15 -28.20 -3.18
C SER B 185 22.57 -29.65 -3.02
N SER B 186 23.40 -30.12 -3.96
CA SER B 186 23.87 -31.49 -3.94
C SER B 186 24.82 -31.71 -2.76
N MET B 187 25.20 -30.63 -2.10
CA MET B 187 26.07 -30.74 -0.94
C MET B 187 25.22 -30.75 0.34
N ASN B 188 25.84 -31.14 1.44
CA ASN B 188 25.14 -31.21 2.72
C ASN B 188 25.16 -29.93 3.54
N PHE B 189 24.15 -29.09 3.31
CA PHE B 189 24.00 -27.83 4.03
C PHE B 189 22.52 -27.68 4.33
N GLU B 190 22.18 -26.92 5.37
CA GLU B 190 20.78 -26.76 5.78
C GLU B 190 20.05 -25.47 5.36
N ILE B 191 20.78 -24.36 5.22
CA ILE B 191 20.19 -23.09 4.79
C ILE B 191 20.99 -22.47 3.64
N HIS B 192 20.30 -21.93 2.64
CA HIS B 192 20.98 -21.32 1.50
C HIS B 192 20.77 -19.81 1.34
N PRO B 193 21.74 -19.00 1.79
CA PRO B 193 21.57 -17.56 1.63
C PRO B 193 21.85 -17.21 0.17
N ILE B 194 21.32 -16.09 -0.29
CA ILE B 194 21.55 -15.61 -1.64
C ILE B 194 22.37 -14.36 -1.41
N GLY B 195 23.62 -14.34 -1.87
CA GLY B 195 24.45 -13.20 -1.59
C GLY B 195 24.87 -12.21 -2.65
N GLY B 196 25.63 -11.22 -2.20
CA GLY B 196 26.14 -10.18 -3.06
C GLY B 196 25.11 -9.21 -3.59
N VAL B 197 23.92 -9.18 -2.99
CA VAL B 197 22.90 -8.26 -3.48
C VAL B 197 22.74 -7.00 -2.65
N VAL B 198 23.59 -6.81 -1.65
CA VAL B 198 23.47 -5.60 -0.84
C VAL B 198 23.58 -4.37 -1.71
N PRO B 199 24.65 -4.27 -2.51
CA PRO B 199 24.79 -3.09 -3.37
C PRO B 199 23.54 -2.88 -4.21
N LEU B 200 22.94 -3.97 -4.68
CA LEU B 200 21.74 -3.84 -5.48
C LEU B 200 20.62 -3.19 -4.67
N LEU B 201 20.27 -3.79 -3.54
CA LEU B 201 19.23 -3.24 -2.69
C LEU B 201 19.50 -1.77 -2.38
N GLU B 202 20.65 -1.47 -1.78
CA GLU B 202 20.96 -0.09 -1.46
C GLU B 202 20.64 0.83 -2.64
N SER B 203 20.94 0.38 -3.85
CA SER B 203 20.71 1.14 -5.08
C SER B 203 19.30 1.03 -5.63
N TYR B 204 18.37 0.55 -4.81
CA TYR B 204 17.01 0.41 -5.27
C TYR B 204 16.92 -0.36 -6.59
N ARG B 205 17.91 -1.21 -6.86
CA ARG B 205 17.91 -2.00 -8.08
C ARG B 205 17.17 -3.31 -7.83
N PHE B 206 15.87 -3.21 -7.61
CA PHE B 206 15.08 -4.39 -7.33
C PHE B 206 14.83 -5.31 -8.52
N ARG B 207 14.89 -4.78 -9.73
CA ARG B 207 14.67 -5.65 -10.88
C ARG B 207 15.84 -6.63 -10.93
N ASP B 208 17.05 -6.14 -10.68
CA ASP B 208 18.22 -7.02 -10.69
C ASP B 208 18.16 -8.08 -9.60
N VAL B 209 17.78 -7.68 -8.40
CA VAL B 209 17.69 -8.62 -7.29
C VAL B 209 16.67 -9.70 -7.62
N VAL B 210 15.62 -9.34 -8.35
CA VAL B 210 14.60 -10.34 -8.69
C VAL B 210 15.20 -11.44 -9.56
N ASP B 211 15.89 -11.03 -10.62
CA ASP B 211 16.50 -12.02 -11.51
C ASP B 211 17.43 -12.94 -10.75
N ILE B 212 18.30 -12.36 -9.92
CA ILE B 212 19.22 -13.18 -9.16
C ILE B 212 18.47 -14.17 -8.27
N VAL B 213 17.49 -13.69 -7.52
CA VAL B 213 16.73 -14.58 -6.63
C VAL B 213 15.99 -15.70 -7.37
N ILE B 214 15.37 -15.37 -8.48
CA ILE B 214 14.64 -16.39 -9.22
C ILE B 214 15.59 -17.42 -9.81
N SER B 215 16.62 -16.97 -10.53
CA SER B 215 17.55 -17.91 -11.13
C SER B 215 18.14 -18.79 -10.04
N SER B 216 18.16 -18.31 -8.81
CA SER B 216 18.69 -19.12 -7.74
C SER B 216 17.62 -20.11 -7.28
N LYS B 217 16.42 -19.62 -7.02
CA LYS B 217 15.38 -20.53 -6.55
C LYS B 217 15.03 -21.64 -7.54
N MET B 218 15.39 -21.48 -8.80
CA MET B 218 15.10 -22.52 -9.78
C MET B 218 16.06 -23.70 -9.61
N ALA B 219 17.27 -23.42 -9.13
CA ALA B 219 18.29 -24.45 -8.95
C ALA B 219 18.34 -25.03 -7.54
N LEU B 220 17.84 -24.30 -6.56
CA LEU B 220 17.88 -24.81 -5.19
C LEU B 220 16.85 -25.90 -4.92
N ARG B 221 17.11 -26.75 -3.93
CA ARG B 221 16.15 -27.78 -3.57
C ARG B 221 15.11 -27.07 -2.69
N PRO B 222 13.84 -27.17 -3.07
CA PRO B 222 12.71 -26.55 -2.37
C PRO B 222 12.60 -26.78 -0.86
N ASP B 223 13.27 -27.80 -0.33
CA ASP B 223 13.13 -28.09 1.10
C ASP B 223 14.08 -27.37 2.05
N ARG B 224 14.86 -26.42 1.55
CA ARG B 224 15.77 -25.72 2.44
C ARG B 224 15.43 -24.23 2.55
N PRO B 225 15.69 -23.63 3.72
CA PRO B 225 15.43 -22.21 3.96
C PRO B 225 16.32 -21.33 3.09
N VAL B 226 15.70 -20.32 2.47
CA VAL B 226 16.43 -19.37 1.64
C VAL B 226 16.50 -18.06 2.41
N HIS B 227 17.71 -17.57 2.61
CA HIS B 227 17.99 -16.34 3.36
C HIS B 227 18.49 -15.30 2.36
N LEU B 228 17.82 -14.15 2.27
CA LEU B 228 18.29 -13.14 1.34
C LEU B 228 19.19 -12.18 2.11
N PHE B 229 20.46 -12.54 2.20
CA PHE B 229 21.44 -11.77 2.94
C PHE B 229 21.43 -10.25 2.81
N GLY B 230 21.47 -9.58 3.97
CA GLY B 230 21.50 -8.13 4.04
C GLY B 230 20.25 -7.33 3.73
N ALA B 231 19.12 -8.01 3.53
CA ALA B 231 17.90 -7.29 3.20
C ALA B 231 17.07 -7.08 4.45
N GLY B 232 17.27 -5.93 5.10
CA GLY B 232 16.53 -5.60 6.30
C GLY B 232 15.55 -4.44 6.21
N HIS B 233 15.10 -4.10 5.01
CA HIS B 233 14.14 -3.02 4.87
C HIS B 233 12.77 -3.55 4.46
N PRO B 234 11.73 -3.24 5.24
CA PRO B 234 10.35 -3.68 5.00
C PRO B 234 9.87 -3.57 3.57
N ILE B 235 10.51 -2.73 2.78
CA ILE B 235 10.08 -2.51 1.42
C ILE B 235 10.17 -3.71 0.47
N VAL B 236 11.10 -4.63 0.68
CA VAL B 236 11.20 -5.78 -0.20
C VAL B 236 10.52 -7.02 0.33
N PHE B 237 10.20 -7.03 1.62
CA PHE B 237 9.57 -8.20 2.23
C PHE B 237 8.51 -8.87 1.35
N ALA B 238 7.38 -8.20 1.15
CA ALA B 238 6.32 -8.79 0.33
C ALA B 238 6.89 -9.38 -0.95
N LEU B 239 7.51 -8.53 -1.77
CA LEU B 239 8.10 -8.97 -3.02
C LEU B 239 8.98 -10.19 -2.82
N ALA B 240 10.00 -10.07 -1.96
CA ALA B 240 10.90 -11.19 -1.74
C ALA B 240 10.18 -12.46 -1.31
N VAL B 241 9.31 -12.37 -0.31
CA VAL B 241 8.62 -13.57 0.13
C VAL B 241 7.84 -14.17 -1.05
N ALA B 242 7.28 -13.35 -1.91
CA ALA B 242 6.51 -13.87 -3.04
C ALA B 242 7.37 -14.71 -3.97
N MET B 243 8.69 -14.53 -3.90
CA MET B 243 9.62 -15.29 -4.73
C MET B 243 10.16 -16.48 -3.94
N GLY B 244 9.67 -16.65 -2.72
CA GLY B 244 10.11 -17.77 -1.91
C GLY B 244 11.28 -17.54 -0.96
N VAL B 245 11.56 -16.30 -0.59
CA VAL B 245 12.66 -16.06 0.36
C VAL B 245 12.05 -16.34 1.73
N ASP B 246 12.81 -16.99 2.59
CA ASP B 246 12.32 -17.37 3.91
C ASP B 246 12.95 -16.61 5.07
N LEU B 247 14.14 -16.07 4.85
CA LEU B 247 14.83 -15.37 5.91
C LEU B 247 15.43 -14.04 5.48
N PHE B 248 15.36 -13.08 6.38
CA PHE B 248 15.91 -11.75 6.15
C PHE B 248 16.76 -11.39 7.37
N ASP B 249 17.67 -10.45 7.20
CA ASP B 249 18.48 -9.97 8.31
C ASP B 249 18.67 -8.46 8.09
N SER B 250 18.44 -7.70 9.15
CA SER B 250 18.56 -6.25 9.06
C SER B 250 19.59 -5.65 9.99
N ALA B 251 20.30 -4.67 9.48
CA ALA B 251 21.28 -3.94 10.27
C ALA B 251 20.76 -2.52 10.14
N SER B 252 19.98 -2.31 9.08
CA SER B 252 19.39 -1.02 8.79
C SER B 252 18.50 -0.47 9.89
N TYR B 253 17.76 -1.32 10.58
CA TYR B 253 16.90 -0.77 11.62
C TYR B 253 17.68 0.17 12.53
N ALA B 254 18.93 -0.17 12.82
CA ALA B 254 19.74 0.67 13.69
C ALA B 254 20.59 1.64 12.93
N LEU B 255 21.22 1.19 11.85
CA LEU B 255 22.07 2.08 11.05
C LEU B 255 21.30 3.32 10.61
N TYR B 256 20.02 3.13 10.31
CA TYR B 256 19.17 4.23 9.88
C TYR B 256 18.86 5.15 11.04
N ALA B 257 18.62 4.58 12.21
CA ALA B 257 18.28 5.36 13.39
C ALA B 257 19.42 6.30 13.80
N LYS B 258 20.63 5.97 13.37
CA LYS B 258 21.80 6.78 13.69
C LYS B 258 21.93 8.00 12.78
N ASP B 259 21.18 8.01 11.68
CA ASP B 259 21.18 9.14 10.75
C ASP B 259 19.76 9.70 10.71
N ASP B 260 19.06 9.55 11.83
CA ASP B 260 17.69 10.02 11.96
C ASP B 260 16.82 9.59 10.80
N ARG B 261 17.03 8.38 10.28
CA ARG B 261 16.23 7.91 9.17
C ARG B 261 15.14 7.00 9.71
N TYR B 262 13.92 7.26 9.27
CA TYR B 262 12.70 6.59 9.70
C TYR B 262 12.16 5.63 8.63
N MET B 263 11.85 4.39 9.02
CA MET B 263 11.36 3.40 8.07
C MET B 263 9.86 3.33 7.86
N THR B 264 9.49 2.95 6.64
CA THR B 264 8.10 2.83 6.22
C THR B 264 7.94 1.62 5.31
N PRO B 265 6.76 0.99 5.32
CA PRO B 265 6.60 -0.16 4.43
C PRO B 265 6.78 0.24 2.97
N GLU B 266 6.80 1.55 2.71
CA GLU B 266 6.96 2.03 1.33
C GLU B 266 8.24 2.81 1.09
N GLY B 267 9.17 2.75 2.03
CA GLY B 267 10.42 3.46 1.85
C GLY B 267 10.99 4.00 3.14
N THR B 268 11.84 5.02 3.01
CA THR B 268 12.48 5.65 4.15
C THR B 268 12.30 7.16 4.14
N LYS B 269 12.24 7.76 5.31
CA LYS B 269 12.09 9.20 5.40
C LYS B 269 13.02 9.81 6.42
N ARG B 270 13.37 11.07 6.21
CA ARG B 270 14.25 11.80 7.11
C ARG B 270 13.42 12.44 8.22
N LEU B 271 13.85 12.28 9.46
CA LEU B 271 13.12 12.82 10.58
C LEU B 271 12.87 14.32 10.48
N ASP B 272 13.87 15.06 10.04
CA ASP B 272 13.74 16.51 9.93
C ASP B 272 12.86 16.91 8.75
N GLU B 273 12.22 15.92 8.16
CA GLU B 273 11.31 16.10 7.03
C GLU B 273 9.94 15.48 7.34
N LEU B 274 9.72 15.11 8.60
CA LEU B 274 8.45 14.50 9.03
C LEU B 274 7.59 15.40 9.92
N ASP B 275 6.41 15.77 9.43
CA ASP B 275 5.51 16.59 10.23
C ASP B 275 4.64 15.68 11.10
N TYR B 276 4.32 14.50 10.58
CA TYR B 276 3.51 13.52 11.30
C TYR B 276 4.13 12.13 11.25
N PHE B 277 3.79 11.29 12.24
CA PHE B 277 4.30 9.91 12.28
C PHE B 277 3.20 8.99 11.75
N PRO B 278 3.38 8.45 10.52
CA PRO B 278 2.40 7.54 9.90
C PRO B 278 2.50 6.14 10.50
N CYS B 279 2.37 6.07 11.81
CA CYS B 279 2.51 4.81 12.54
C CYS B 279 1.90 4.90 13.95
N SER B 280 1.58 3.75 14.54
CA SER B 280 1.00 3.74 15.88
C SER B 280 1.84 2.90 16.83
N CYS B 281 3.11 2.67 16.49
CA CYS B 281 3.95 1.84 17.33
C CYS B 281 4.17 2.46 18.69
N PRO B 282 4.64 1.67 19.66
CA PRO B 282 4.88 2.19 21.02
C PRO B 282 5.63 3.51 21.05
N VAL B 283 6.38 3.82 19.99
CA VAL B 283 7.11 5.08 19.91
C VAL B 283 6.27 6.17 19.27
N CYS B 284 5.90 5.95 18.01
CA CYS B 284 5.09 6.89 17.25
C CYS B 284 3.72 7.07 17.87
N SER B 285 3.37 6.16 18.77
CA SER B 285 2.10 6.23 19.43
C SER B 285 2.10 7.32 20.47
N LYS B 286 3.27 7.61 21.03
CA LYS B 286 3.31 8.64 22.05
C LYS B 286 4.20 9.85 21.88
N TYR B 287 4.99 9.90 20.81
CA TYR B 287 5.83 11.06 20.54
C TYR B 287 5.49 11.62 19.16
N THR B 288 5.74 12.90 18.98
CA THR B 288 5.50 13.54 17.70
C THR B 288 6.87 13.80 17.08
N PRO B 289 6.93 13.99 15.76
CA PRO B 289 8.23 14.24 15.14
C PRO B 289 9.03 15.36 15.83
N GLN B 290 8.36 16.47 16.17
CA GLN B 290 9.06 17.57 16.83
C GLN B 290 9.58 17.13 18.18
N GLU B 291 8.76 16.39 18.93
CA GLU B 291 9.16 15.89 20.24
C GLU B 291 10.41 15.01 20.13
N LEU B 292 10.45 14.17 19.10
CA LEU B 292 11.58 13.29 18.86
C LEU B 292 12.85 14.06 18.49
N ARG B 293 12.73 15.22 17.84
CA ARG B 293 13.90 16.00 17.47
C ARG B 293 14.53 16.73 18.65
N GLU B 294 13.73 16.95 19.69
CA GLU B 294 14.21 17.63 20.90
C GLU B 294 15.11 16.74 21.76
N MET B 295 14.73 15.47 21.87
CA MET B 295 15.50 14.53 22.67
C MET B 295 16.96 14.46 22.26
N PRO B 296 17.84 14.10 23.20
CA PRO B 296 19.28 13.99 22.94
C PRO B 296 19.52 12.96 21.82
N LYS B 297 20.60 13.13 21.06
CA LYS B 297 20.93 12.24 19.94
C LYS B 297 20.88 10.74 20.25
N GLU B 298 21.14 10.35 21.50
CA GLU B 298 21.10 8.95 21.85
C GLU B 298 19.68 8.43 22.02
N GLU B 299 18.86 9.13 22.81
CA GLU B 299 17.49 8.70 23.01
C GLU B 299 16.77 8.69 21.66
N ARG B 300 17.16 9.63 20.81
CA ARG B 300 16.58 9.75 19.49
C ARG B 300 16.88 8.51 18.65
N THR B 301 18.12 8.02 18.72
CA THR B 301 18.52 6.85 17.97
C THR B 301 17.74 5.63 18.46
N ARG B 302 17.69 5.46 19.77
CA ARG B 302 16.97 4.36 20.38
C ARG B 302 15.54 4.29 19.83
N LEU B 303 14.77 5.32 20.15
CA LEU B 303 13.38 5.37 19.73
C LEU B 303 13.15 5.13 18.23
N LEU B 304 14.04 5.62 17.39
CA LEU B 304 13.88 5.39 15.96
C LEU B 304 14.14 3.93 15.65
N ALA B 305 15.23 3.41 16.20
CA ALA B 305 15.57 2.01 15.98
C ALA B 305 14.39 1.13 16.38
N LEU B 306 13.83 1.40 17.56
CA LEU B 306 12.69 0.63 18.03
C LEU B 306 11.50 0.75 17.09
N HIS B 307 11.33 1.92 16.50
CA HIS B 307 10.23 2.16 15.57
C HIS B 307 10.48 1.27 14.35
N ASN B 308 11.69 1.37 13.79
CA ASN B 308 12.05 0.60 12.61
C ASN B 308 11.79 -0.89 12.82
N LEU B 309 12.11 -1.38 14.01
CA LEU B 309 11.90 -2.79 14.33
C LEU B 309 10.41 -3.11 14.36
N TRP B 310 9.61 -2.20 14.89
CA TRP B 310 8.16 -2.43 14.93
C TRP B 310 7.60 -2.44 13.51
N VAL B 311 8.19 -1.64 12.63
CA VAL B 311 7.75 -1.60 11.23
C VAL B 311 8.11 -2.93 10.61
N ILE B 312 9.33 -3.38 10.86
CA ILE B 312 9.80 -4.64 10.32
C ILE B 312 8.89 -5.78 10.79
N LYS B 313 8.76 -5.92 12.11
CA LYS B 313 7.92 -6.97 12.69
C LYS B 313 6.50 -6.93 12.12
N GLU B 314 5.98 -5.73 11.95
CA GLU B 314 4.62 -5.55 11.44
C GLU B 314 4.46 -5.89 9.97
N GLU B 315 5.41 -5.54 9.12
CA GLU B 315 5.27 -5.88 7.70
C GLU B 315 5.23 -7.40 7.59
N ILE B 316 6.04 -8.06 8.41
CA ILE B 316 6.10 -9.52 8.40
C ILE B 316 4.74 -10.13 8.77
N LYS B 317 4.15 -9.69 9.88
CA LYS B 317 2.86 -10.21 10.26
C LYS B 317 1.86 -9.98 9.11
N ARG B 318 1.96 -8.83 8.45
CA ARG B 318 1.06 -8.52 7.34
C ARG B 318 1.25 -9.48 6.16
N VAL B 319 2.50 -9.75 5.79
CA VAL B 319 2.79 -10.68 4.70
C VAL B 319 2.28 -12.07 5.08
N LYS B 320 2.56 -12.50 6.31
CA LYS B 320 2.10 -13.81 6.73
C LYS B 320 0.58 -13.88 6.72
N GLN B 321 -0.08 -12.84 7.20
CA GLN B 321 -1.54 -12.84 7.21
C GLN B 321 -2.05 -12.84 5.78
N ALA B 322 -1.26 -12.27 4.87
CA ALA B 322 -1.64 -12.20 3.46
C ALA B 322 -1.54 -13.59 2.86
N ILE B 323 -0.48 -14.31 3.20
CA ILE B 323 -0.31 -15.66 2.69
C ILE B 323 -1.49 -16.50 3.19
N LYS B 324 -1.75 -16.45 4.49
CA LYS B 324 -2.85 -17.19 5.10
C LYS B 324 -4.19 -17.05 4.38
N GLU B 325 -4.51 -15.86 3.86
CA GLU B 325 -5.80 -15.68 3.18
C GLU B 325 -5.68 -15.71 1.65
N GLY B 326 -4.49 -16.05 1.16
CA GLY B 326 -4.26 -16.16 -0.27
C GLY B 326 -4.32 -14.84 -1.02
N GLU B 327 -3.97 -13.76 -0.34
CA GLU B 327 -3.99 -12.42 -0.92
C GLU B 327 -2.57 -11.89 -1.06
N LEU B 328 -1.59 -12.78 -1.03
CA LEU B 328 -0.19 -12.34 -1.11
C LEU B 328 0.16 -11.56 -2.36
N TRP B 329 -0.47 -11.84 -3.50
CA TRP B 329 -0.16 -11.08 -4.70
C TRP B 329 -0.72 -9.67 -4.60
N ARG B 330 -1.90 -9.54 -4.00
CA ARG B 330 -2.53 -8.24 -3.84
C ARG B 330 -1.53 -7.36 -3.08
N LEU B 331 -1.06 -7.88 -1.95
CA LEU B 331 -0.11 -7.15 -1.11
C LEU B 331 1.12 -6.71 -1.90
N VAL B 332 1.66 -7.64 -2.68
CA VAL B 332 2.82 -7.33 -3.51
C VAL B 332 2.47 -6.19 -4.45
N ASP B 333 1.30 -6.28 -5.07
CA ASP B 333 0.83 -5.26 -6.01
C ASP B 333 0.75 -3.91 -5.31
N GLU B 334 0.20 -3.88 -4.10
CA GLU B 334 0.07 -2.65 -3.33
C GLU B 334 1.44 -2.06 -3.03
N ARG B 335 2.35 -2.90 -2.56
CA ARG B 335 3.69 -2.45 -2.22
C ARG B 335 4.53 -2.11 -3.45
N ALA B 336 4.09 -2.57 -4.61
CA ALA B 336 4.82 -2.31 -5.83
C ALA B 336 4.75 -0.84 -6.18
N ARG B 337 3.77 -0.15 -5.60
CA ARG B 337 3.58 1.28 -5.88
C ARG B 337 4.37 2.16 -4.91
N SER B 338 5.35 1.57 -4.24
CA SER B 338 6.13 2.36 -3.30
C SER B 338 7.23 3.13 -3.99
N HIS B 339 7.73 2.60 -5.10
CA HIS B 339 8.83 3.24 -5.79
C HIS B 339 8.89 2.75 -7.24
N PRO B 340 9.36 3.59 -8.16
CA PRO B 340 9.46 3.22 -9.58
C PRO B 340 10.23 1.92 -9.83
N LYS B 341 11.36 1.78 -9.14
CA LYS B 341 12.19 0.60 -9.29
C LYS B 341 11.58 -0.64 -8.67
N LEU B 342 10.74 -0.47 -7.67
CA LEU B 342 10.11 -1.63 -7.05
C LEU B 342 8.97 -2.05 -7.99
N TYR B 343 8.39 -1.07 -8.68
CA TYR B 343 7.31 -1.36 -9.64
C TYR B 343 7.94 -2.12 -10.79
N SER B 344 9.16 -1.76 -11.14
CA SER B 344 9.86 -2.42 -12.23
C SER B 344 10.11 -3.89 -11.89
N ALA B 345 10.64 -4.14 -10.70
CA ALA B 345 10.92 -5.50 -10.26
C ALA B 345 9.66 -6.35 -10.33
N TYR B 346 8.58 -5.84 -9.76
CA TYR B 346 7.28 -6.53 -9.75
C TYR B 346 6.92 -7.01 -11.16
N LYS B 347 6.88 -6.09 -12.12
CA LYS B 347 6.57 -6.44 -13.49
C LYS B 347 7.48 -7.57 -13.94
N ARG B 348 8.79 -7.44 -13.70
CA ARG B 348 9.77 -8.46 -14.07
C ARG B 348 9.47 -9.78 -13.35
N LEU B 349 9.09 -9.70 -12.08
CA LEU B 349 8.79 -10.91 -11.34
C LEU B 349 7.63 -11.68 -11.97
N LEU B 350 6.70 -10.96 -12.59
CA LEU B 350 5.56 -11.63 -13.22
C LEU B 350 5.94 -12.27 -14.55
N GLU B 351 7.10 -11.88 -15.09
CA GLU B 351 7.60 -12.41 -16.35
C GLU B 351 8.07 -13.87 -16.19
N HIS B 352 8.40 -14.25 -14.96
CA HIS B 352 8.86 -15.59 -14.65
C HIS B 352 7.69 -16.52 -14.36
N TYR B 353 6.74 -16.59 -15.28
CA TYR B 353 5.57 -17.44 -15.11
C TYR B 353 5.94 -18.88 -14.81
N THR B 354 6.81 -19.44 -15.64
CA THR B 354 7.21 -20.83 -15.46
C THR B 354 7.61 -21.19 -14.05
N PHE B 355 8.49 -20.39 -13.44
CA PHE B 355 8.91 -20.64 -12.07
C PHE B 355 7.72 -20.51 -11.13
N LEU B 356 7.12 -19.34 -11.16
CA LEU B 356 5.99 -19.02 -10.31
C LEU B 356 4.83 -20.00 -10.38
N GLU B 357 4.44 -20.39 -11.58
CA GLU B 357 3.31 -21.30 -11.74
C GLU B 357 3.55 -22.63 -11.06
N GLU B 358 4.80 -23.08 -11.07
CA GLU B 358 5.16 -24.35 -10.47
C GLU B 358 4.73 -24.48 -9.01
N PHE B 359 4.45 -23.36 -8.34
CA PHE B 359 4.06 -23.44 -6.93
C PHE B 359 2.71 -22.81 -6.63
N GLU B 360 2.18 -22.05 -7.57
CA GLU B 360 0.90 -21.41 -7.34
C GLU B 360 -0.14 -22.51 -7.16
N PRO B 361 -0.85 -22.52 -6.02
CA PRO B 361 -1.89 -23.52 -5.75
C PRO B 361 -2.90 -23.53 -6.88
N ILE B 362 -3.76 -24.53 -6.94
CA ILE B 362 -4.76 -24.60 -8.00
C ILE B 362 -6.08 -24.04 -7.51
N THR B 363 -6.22 -23.87 -6.19
CA THR B 363 -7.45 -23.34 -5.61
C THR B 363 -7.13 -22.52 -4.35
N LYS B 364 -7.66 -21.30 -4.30
CA LYS B 364 -7.46 -20.43 -3.14
C LYS B 364 -8.78 -20.08 -2.47
N LYS B 365 -8.69 -19.74 -1.20
CA LYS B 365 -9.85 -19.38 -0.41
C LYS B 365 -10.40 -18.05 -0.88
N SER B 366 -9.49 -17.13 -1.19
CA SER B 366 -9.82 -15.77 -1.64
C SER B 366 -10.39 -15.73 -3.06
N ALA B 367 -10.76 -14.52 -3.50
CA ALA B 367 -11.31 -14.36 -4.84
C ALA B 367 -10.30 -13.61 -5.69
N LEU B 368 -10.31 -13.87 -6.99
CA LEU B 368 -9.37 -13.20 -7.88
C LEU B 368 -9.81 -11.75 -8.06
N PHE B 369 -8.94 -10.83 -7.63
CA PHE B 369 -9.19 -9.40 -7.70
C PHE B 369 -8.50 -8.74 -8.88
N LYS B 370 -9.26 -7.98 -9.66
CA LYS B 370 -8.67 -7.27 -10.78
C LYS B 370 -8.41 -5.88 -10.22
N ILE B 371 -7.17 -5.63 -9.82
CA ILE B 371 -6.83 -4.34 -9.25
C ILE B 371 -5.76 -3.59 -9.98
N SER B 372 -5.31 -4.11 -11.11
CA SER B 372 -4.30 -3.40 -11.86
C SER B 372 -4.04 -4.12 -13.17
N ASN B 373 -3.25 -3.48 -14.02
CA ASN B 373 -2.88 -4.07 -15.29
C ASN B 373 -2.09 -5.31 -14.99
N GLU B 374 -1.16 -5.17 -14.05
CA GLU B 374 -0.26 -6.26 -13.64
C GLU B 374 -0.96 -7.53 -13.17
N SER B 375 -2.12 -7.40 -12.53
CA SER B 375 -2.82 -8.57 -12.02
C SER B 375 -3.38 -9.48 -13.09
N LEU B 376 -3.50 -9.00 -14.32
CA LEU B 376 -4.02 -9.85 -15.38
C LEU B 376 -2.93 -10.85 -15.78
N ARG B 377 -1.72 -10.62 -15.26
CA ARG B 377 -0.59 -11.49 -15.54
C ARG B 377 -0.17 -12.34 -14.35
N TRP B 378 -1.03 -12.40 -13.34
CA TRP B 378 -0.73 -13.21 -12.17
C TRP B 378 -0.74 -14.67 -12.59
N PRO B 379 0.03 -15.50 -11.90
CA PRO B 379 0.08 -16.91 -12.26
C PRO B 379 -1.31 -17.50 -12.43
N VAL B 380 -2.11 -17.51 -11.36
CA VAL B 380 -3.46 -18.09 -11.41
C VAL B 380 -4.26 -17.69 -12.66
N VAL B 381 -4.04 -16.48 -13.15
CA VAL B 381 -4.76 -16.04 -14.34
C VAL B 381 -4.16 -16.70 -15.58
N ARG B 382 -2.86 -16.47 -15.81
CA ARG B 382 -2.15 -17.06 -16.95
C ARG B 382 -2.47 -18.55 -17.09
N ARG B 383 -2.37 -19.28 -15.98
CA ARG B 383 -2.65 -20.71 -15.98
C ARG B 383 -4.06 -20.95 -16.50
N ALA B 384 -5.05 -20.41 -15.79
CA ALA B 384 -6.44 -20.57 -16.18
C ALA B 384 -6.72 -20.27 -17.65
N LYS B 385 -6.08 -19.23 -18.18
CA LYS B 385 -6.27 -18.85 -19.58
C LYS B 385 -5.81 -19.99 -20.51
N GLU B 386 -4.63 -20.55 -20.23
CA GLU B 386 -4.09 -21.65 -21.05
C GLU B 386 -4.93 -22.91 -20.95
N ARG B 387 -5.15 -23.40 -19.73
CA ARG B 387 -5.93 -24.60 -19.52
C ARG B 387 -7.32 -24.58 -20.15
N ALA B 388 -7.95 -23.41 -20.21
CA ALA B 388 -9.29 -23.30 -20.76
C ALA B 388 -9.34 -23.31 -22.27
N LYS B 389 -8.28 -22.81 -22.91
CA LYS B 389 -8.23 -22.75 -24.36
C LYS B 389 -8.79 -24.02 -24.99
N SER B 390 -8.42 -25.16 -24.45
CA SER B 390 -8.88 -26.44 -24.95
C SER B 390 -10.35 -26.70 -24.66
N ILE B 391 -10.82 -26.26 -23.48
CA ILE B 391 -12.20 -26.46 -23.08
C ILE B 391 -13.17 -25.61 -23.90
N ASN B 392 -12.79 -24.37 -24.19
CA ASN B 392 -13.65 -23.50 -24.99
C ASN B 392 -13.76 -24.12 -26.39
N GLU B 393 -12.62 -24.44 -26.96
CA GLU B 393 -12.57 -25.00 -28.30
C GLU B 393 -13.47 -26.23 -28.47
N ARG B 394 -13.77 -26.94 -27.38
CA ARG B 394 -14.64 -28.09 -27.52
C ARG B 394 -16.05 -27.78 -27.05
N PHE B 395 -16.20 -27.54 -25.74
CA PHE B 395 -17.49 -27.25 -25.13
C PHE B 395 -18.19 -25.96 -25.57
N GLY B 396 -17.43 -24.98 -26.03
CA GLY B 396 -18.05 -23.73 -26.44
C GLY B 396 -18.90 -23.11 -25.35
N GLU B 397 -20.02 -22.50 -25.72
CA GLU B 397 -20.93 -21.87 -24.76
C GLU B 397 -20.19 -20.73 -24.03
N LEU B 398 -19.45 -19.96 -24.80
CA LEU B 398 -18.69 -18.84 -24.25
C LEU B 398 -19.61 -17.78 -23.63
N VAL B 399 -19.07 -17.07 -22.65
CA VAL B 399 -19.78 -16.00 -21.97
C VAL B 399 -18.74 -14.93 -21.70
N GLU B 400 -19.14 -13.66 -21.64
CA GLU B 400 -18.18 -12.59 -21.39
C GLU B 400 -17.78 -12.53 -19.92
N HIS B 401 -16.48 -12.66 -19.67
CA HIS B 401 -15.93 -12.61 -18.32
C HIS B 401 -14.99 -11.41 -18.23
N PRO B 402 -15.09 -10.62 -17.14
CA PRO B 402 -14.27 -9.42 -16.89
C PRO B 402 -12.75 -9.57 -17.00
N ILE B 403 -12.22 -10.70 -16.55
CA ILE B 403 -10.78 -10.89 -16.58
C ILE B 403 -10.24 -11.73 -17.75
N PHE B 404 -10.94 -12.80 -18.13
CA PHE B 404 -10.46 -13.66 -19.22
C PHE B 404 -11.17 -13.36 -20.55
N GLY B 405 -12.14 -12.45 -20.53
CA GLY B 405 -12.87 -12.07 -21.72
C GLY B 405 -13.96 -13.05 -22.12
N ARG B 406 -13.54 -14.20 -22.63
CA ARG B 406 -14.45 -15.26 -23.06
C ARG B 406 -14.12 -16.55 -22.32
N VAL B 407 -15.16 -17.23 -21.83
CA VAL B 407 -14.96 -18.48 -21.10
C VAL B 407 -16.18 -19.37 -21.17
N SER B 408 -15.97 -20.63 -21.51
CA SER B 408 -17.07 -21.58 -21.61
C SER B 408 -17.91 -21.57 -20.35
N ARG B 409 -19.20 -21.37 -20.53
CA ARG B 409 -20.13 -21.32 -19.41
C ARG B 409 -19.96 -22.50 -18.46
N TYR B 410 -19.30 -23.56 -18.91
CA TYR B 410 -19.10 -24.74 -18.08
C TYR B 410 -18.04 -24.57 -17.00
N LEU B 411 -17.12 -23.64 -17.22
CA LEU B 411 -16.09 -23.38 -16.23
C LEU B 411 -16.57 -22.25 -15.34
N SER B 412 -17.55 -21.51 -15.84
CA SER B 412 -18.12 -20.35 -15.14
C SER B 412 -18.40 -20.55 -13.65
N LEU B 413 -18.52 -21.79 -13.21
CA LEU B 413 -18.79 -22.06 -11.80
C LEU B 413 -17.50 -22.46 -11.07
N THR B 414 -16.42 -22.60 -11.81
CA THR B 414 -15.14 -23.03 -11.26
C THR B 414 -14.07 -21.97 -11.10
N TYR B 415 -13.29 -22.12 -10.03
CA TYR B 415 -12.17 -21.23 -9.70
C TYR B 415 -11.18 -21.26 -10.85
N PRO B 416 -10.60 -20.09 -11.20
CA PRO B 416 -10.84 -18.79 -10.58
C PRO B 416 -11.70 -17.92 -11.49
N PHE B 417 -12.67 -18.52 -12.15
CA PHE B 417 -13.54 -17.77 -13.05
C PHE B 417 -14.74 -17.19 -12.30
N ALA B 418 -15.51 -18.10 -11.70
CA ALA B 418 -16.69 -17.74 -10.94
C ALA B 418 -16.42 -16.75 -9.81
N GLN B 419 -15.38 -17.03 -9.03
CA GLN B 419 -15.03 -16.18 -7.90
C GLN B 419 -14.02 -15.10 -8.25
N SER B 420 -14.42 -14.18 -9.11
CA SER B 420 -13.57 -13.07 -9.49
C SER B 420 -14.35 -11.78 -9.31
N GLU B 421 -13.66 -10.65 -9.50
CA GLU B 421 -14.28 -9.34 -9.37
C GLU B 421 -13.37 -8.29 -10.00
N ALA B 422 -13.92 -7.54 -10.95
CA ALA B 422 -13.17 -6.48 -11.61
C ALA B 422 -13.97 -5.20 -11.46
N GLU B 423 -13.73 -4.23 -12.35
CA GLU B 423 -14.48 -2.99 -12.29
C GLU B 423 -15.96 -3.31 -12.28
N ASP B 424 -16.31 -4.49 -12.82
CA ASP B 424 -17.69 -4.93 -12.89
C ASP B 424 -17.85 -6.35 -12.38
N ASP B 425 -19.08 -6.73 -12.07
CA ASP B 425 -19.37 -8.08 -11.57
C ASP B 425 -19.57 -9.07 -12.72
N PHE B 426 -19.45 -10.36 -12.40
CA PHE B 426 -19.63 -11.43 -13.37
C PHE B 426 -20.78 -12.32 -12.91
N LYS B 427 -21.88 -12.29 -13.65
CA LYS B 427 -23.04 -13.11 -13.31
C LYS B 427 -22.72 -14.57 -13.56
N ILE B 428 -23.01 -15.42 -12.56
CA ILE B 428 -22.73 -16.85 -12.64
C ILE B 428 -23.81 -17.63 -13.41
N GLU B 429 -23.39 -18.32 -14.48
CA GLU B 429 -24.29 -19.11 -15.33
C GLU B 429 -24.54 -20.52 -14.77
N LYS B 430 -25.71 -20.73 -14.19
CA LYS B 430 -26.07 -22.02 -13.63
C LYS B 430 -26.33 -23.04 -14.75
N PRO B 431 -26.28 -24.34 -14.42
CA PRO B 431 -26.50 -25.38 -15.41
C PRO B 431 -27.95 -25.82 -15.46
N THR B 432 -28.36 -26.41 -16.57
CA THR B 432 -29.71 -26.92 -16.71
C THR B 432 -29.73 -28.28 -16.02
N LYS B 433 -29.98 -29.33 -16.79
CA LYS B 433 -29.99 -30.68 -16.25
C LYS B 433 -29.35 -31.58 -17.30
N GLU B 434 -29.19 -31.05 -18.50
CA GLU B 434 -28.54 -31.77 -19.59
C GLU B 434 -27.08 -31.31 -19.48
N ASP B 435 -26.91 -30.02 -19.25
CA ASP B 435 -25.58 -29.45 -19.10
C ASP B 435 -24.88 -30.17 -17.95
N ALA B 436 -25.65 -30.45 -16.90
CA ALA B 436 -25.14 -31.13 -15.72
C ALA B 436 -23.80 -31.85 -15.92
N ILE B 437 -23.80 -32.83 -16.81
CA ILE B 437 -22.59 -33.60 -17.08
C ILE B 437 -21.50 -32.77 -17.78
N LYS B 438 -21.89 -32.05 -18.83
CA LYS B 438 -20.95 -31.23 -19.58
C LYS B 438 -20.16 -30.25 -18.70
N TYR B 439 -20.65 -29.98 -17.50
CA TYR B 439 -19.94 -29.10 -16.59
C TYR B 439 -18.86 -29.93 -15.90
N VAL B 440 -19.25 -31.14 -15.48
CA VAL B 440 -18.33 -32.05 -14.82
C VAL B 440 -17.25 -32.45 -15.81
N MET B 441 -17.62 -32.60 -17.07
CA MET B 441 -16.65 -32.98 -18.07
C MET B 441 -15.66 -31.85 -18.28
N ALA B 442 -16.17 -30.64 -18.47
CA ALA B 442 -15.32 -29.47 -18.69
C ALA B 442 -14.38 -29.26 -17.50
N ILE B 443 -14.93 -29.36 -16.29
CA ILE B 443 -14.12 -29.20 -15.10
C ILE B 443 -13.02 -30.24 -15.08
N ALA B 444 -13.40 -31.50 -15.28
CA ALA B 444 -12.47 -32.62 -15.28
C ALA B 444 -11.36 -32.43 -16.30
N GLU B 445 -11.74 -31.98 -17.49
CA GLU B 445 -10.79 -31.75 -18.55
C GLU B 445 -9.89 -30.60 -18.13
N TYR B 446 -10.43 -29.72 -17.30
CA TYR B 446 -9.73 -28.54 -16.82
C TYR B 446 -8.86 -28.83 -15.60
N GLN B 447 -9.47 -29.41 -14.58
CA GLN B 447 -8.80 -29.73 -13.33
C GLN B 447 -7.78 -30.85 -13.41
N PHE B 448 -8.15 -31.95 -14.06
CA PHE B 448 -7.29 -33.12 -14.19
C PHE B 448 -6.50 -33.15 -15.50
N GLY B 449 -6.84 -32.26 -16.43
CA GLY B 449 -6.12 -32.21 -17.69
C GLY B 449 -6.66 -33.08 -18.79
N GLU B 450 -6.04 -32.98 -19.95
CA GLU B 450 -6.41 -33.75 -21.14
C GLU B 450 -7.18 -35.06 -20.91
N GLY B 451 -8.18 -35.29 -21.76
CA GLY B 451 -8.98 -36.50 -21.69
C GLY B 451 -9.57 -36.95 -20.36
N ALA B 452 -9.21 -36.30 -19.27
CA ALA B 452 -9.73 -36.69 -17.96
C ALA B 452 -11.26 -36.82 -17.94
N SER B 453 -11.94 -36.10 -18.84
CA SER B 453 -13.39 -36.12 -18.91
C SER B 453 -13.93 -37.51 -19.22
N ARG B 454 -13.15 -38.28 -19.97
CA ARG B 454 -13.57 -39.63 -20.34
C ARG B 454 -13.83 -40.51 -19.14
N ALA B 455 -13.42 -40.06 -17.96
CA ALA B 455 -13.65 -40.83 -16.75
C ALA B 455 -15.02 -40.50 -16.18
N PHE B 456 -15.69 -39.50 -16.78
CA PHE B 456 -16.99 -39.09 -16.32
C PHE B 456 -18.06 -38.96 -17.41
N ASP B 457 -18.13 -39.91 -18.34
CA ASP B 457 -19.15 -39.86 -19.39
C ASP B 457 -20.44 -40.44 -18.81
N ASP B 458 -20.37 -41.74 -18.53
CA ASP B 458 -21.48 -42.51 -17.98
C ASP B 458 -21.80 -42.11 -16.54
N ALA B 459 -21.80 -40.81 -16.25
CA ALA B 459 -22.08 -40.34 -14.92
C ALA B 459 -23.33 -39.47 -14.86
N LYS B 460 -23.89 -39.35 -13.67
CA LYS B 460 -25.08 -38.53 -13.46
C LYS B 460 -24.81 -37.50 -12.37
N VAL B 461 -25.10 -36.24 -12.69
CA VAL B 461 -24.87 -35.15 -11.76
C VAL B 461 -26.14 -34.64 -11.11
N GLU B 462 -26.19 -34.75 -9.79
CA GLU B 462 -27.33 -34.30 -9.00
C GLU B 462 -27.17 -32.82 -8.61
N LEU B 463 -28.25 -32.06 -8.75
CA LEU B 463 -28.27 -30.63 -8.43
C LEU B 463 -28.93 -30.38 -7.06
N SER B 464 -28.23 -29.68 -6.18
CA SER B 464 -28.76 -29.39 -4.84
C SER B 464 -29.84 -28.31 -4.91
N LYS B 465 -30.18 -27.75 -3.75
CA LYS B 465 -31.19 -26.69 -3.66
C LYS B 465 -30.90 -25.67 -4.75
N THR B 466 -29.82 -24.90 -4.59
CA THR B 466 -29.44 -23.95 -5.61
C THR B 466 -29.09 -24.84 -6.80
N GLY B 467 -29.47 -24.42 -8.02
CA GLY B 467 -29.19 -25.22 -9.20
C GLY B 467 -27.73 -25.55 -9.46
N MET B 468 -27.00 -25.82 -8.38
CA MET B 468 -25.58 -26.14 -8.46
C MET B 468 -25.30 -27.64 -8.43
N PRO B 469 -24.37 -28.11 -9.30
CA PRO B 469 -24.00 -29.53 -9.36
C PRO B 469 -23.11 -29.84 -8.16
N ARG B 470 -23.48 -30.85 -7.38
CA ARG B 470 -22.69 -31.22 -6.21
C ARG B 470 -22.04 -32.60 -6.30
N GLN B 471 -22.87 -33.64 -6.39
CA GLN B 471 -22.31 -34.98 -6.44
C GLN B 471 -22.46 -35.70 -7.79
N VAL B 472 -21.45 -36.48 -8.14
CA VAL B 472 -21.43 -37.24 -9.39
C VAL B 472 -21.44 -38.72 -9.05
N LYS B 473 -22.33 -39.48 -9.68
CA LYS B 473 -22.43 -40.91 -9.40
C LYS B 473 -22.64 -41.75 -10.65
N VAL B 474 -22.34 -43.04 -10.52
CA VAL B 474 -22.51 -44.02 -11.59
C VAL B 474 -22.78 -45.36 -10.94
N ASN B 475 -23.66 -46.15 -11.55
CA ASN B 475 -24.04 -47.46 -11.02
C ASN B 475 -24.56 -47.23 -9.61
N GLY B 476 -24.65 -45.95 -9.24
CA GLY B 476 -25.10 -45.57 -7.93
C GLY B 476 -23.94 -45.06 -7.07
N LYS B 477 -22.78 -45.70 -7.18
CA LYS B 477 -21.61 -45.29 -6.38
C LYS B 477 -21.07 -43.91 -6.77
N ARG B 478 -20.54 -43.22 -5.76
CA ARG B 478 -20.00 -41.87 -5.91
C ARG B 478 -18.63 -41.81 -6.58
N LEU B 479 -18.53 -41.05 -7.66
CA LEU B 479 -17.26 -40.90 -8.35
C LEU B 479 -16.54 -39.73 -7.68
N ALA B 480 -17.04 -38.53 -7.95
CA ALA B 480 -16.49 -37.31 -7.39
C ALA B 480 -17.62 -36.37 -6.99
N THR B 481 -17.26 -35.26 -6.38
CA THR B 481 -18.23 -34.27 -5.93
C THR B 481 -17.70 -32.86 -6.12
N VAL B 482 -18.43 -32.07 -6.91
CA VAL B 482 -18.07 -30.68 -7.19
C VAL B 482 -18.09 -29.84 -5.91
N ARG B 483 -16.90 -29.39 -5.49
CA ARG B 483 -16.80 -28.57 -4.30
C ARG B 483 -17.53 -27.27 -4.62
N ALA B 484 -18.40 -26.87 -3.70
CA ALA B 484 -19.20 -25.67 -3.89
C ALA B 484 -18.38 -24.38 -3.88
N ASP B 485 -17.39 -24.28 -3.00
CA ASP B 485 -16.60 -23.07 -2.90
C ASP B 485 -15.50 -22.86 -3.94
N ASP B 486 -15.47 -23.66 -5.00
CA ASP B 486 -14.48 -23.47 -6.06
C ASP B 486 -14.83 -24.18 -7.36
N GLY B 487 -15.90 -24.95 -7.33
CA GLY B 487 -16.31 -25.64 -8.54
C GLY B 487 -15.28 -26.64 -9.02
N LEU B 488 -14.48 -27.15 -8.08
CA LEU B 488 -13.47 -28.15 -8.41
C LEU B 488 -13.88 -29.50 -7.83
N LEU B 489 -13.78 -30.55 -8.65
CA LEU B 489 -14.14 -31.90 -8.28
C LEU B 489 -13.28 -32.54 -7.20
N THR B 490 -13.94 -33.15 -6.23
CA THR B 490 -13.27 -33.86 -5.15
C THR B 490 -13.55 -35.33 -5.43
N LEU B 491 -12.49 -36.07 -5.71
CA LEU B 491 -12.61 -37.46 -6.04
C LEU B 491 -12.94 -38.40 -4.90
N GLY B 492 -13.59 -39.49 -5.25
CA GLY B 492 -13.95 -40.53 -4.32
C GLY B 492 -13.31 -41.78 -4.90
N ILE B 493 -12.78 -42.64 -4.05
CA ILE B 493 -12.12 -43.87 -4.46
C ILE B 493 -12.47 -44.38 -5.86
N GLU B 494 -13.74 -44.36 -6.22
CA GLU B 494 -14.17 -44.82 -7.54
C GLU B 494 -13.72 -43.86 -8.62
N GLY B 495 -13.90 -42.57 -8.38
CA GLY B 495 -13.50 -41.57 -9.36
C GLY B 495 -12.04 -41.74 -9.67
N ALA B 496 -11.25 -41.95 -8.63
CA ALA B 496 -9.80 -42.15 -8.76
C ALA B 496 -9.49 -43.39 -9.59
N LYS B 497 -10.13 -44.52 -9.25
CA LYS B 497 -9.91 -45.75 -9.99
C LYS B 497 -10.09 -45.52 -11.48
N ARG B 498 -11.04 -44.67 -11.82
CA ARG B 498 -11.31 -44.40 -13.22
C ARG B 498 -10.30 -43.46 -13.84
N LEU B 499 -9.86 -42.45 -13.10
CA LEU B 499 -8.86 -41.55 -13.65
C LEU B 499 -7.57 -42.34 -13.83
N HIS B 500 -7.31 -43.23 -12.87
CA HIS B 500 -6.12 -44.06 -12.85
C HIS B 500 -5.93 -44.91 -14.11
N ARG B 501 -7.02 -45.45 -14.64
CA ARG B 501 -6.93 -46.26 -15.85
C ARG B 501 -7.00 -45.46 -17.14
N VAL B 502 -7.82 -44.39 -17.14
CA VAL B 502 -7.99 -43.54 -18.31
C VAL B 502 -6.76 -42.68 -18.59
N LEU B 503 -6.13 -42.21 -17.51
CA LEU B 503 -4.94 -41.37 -17.65
C LEU B 503 -3.68 -42.23 -17.51
N PRO B 504 -2.72 -42.02 -18.40
CA PRO B 504 -1.44 -42.74 -18.43
C PRO B 504 -0.49 -42.38 -17.29
N TYR B 505 0.17 -43.36 -16.71
CA TYR B 505 1.16 -43.09 -15.66
C TYR B 505 2.12 -42.07 -16.29
N PRO B 506 2.69 -41.14 -15.50
CA PRO B 506 2.57 -40.90 -14.06
C PRO B 506 1.50 -39.88 -13.65
N ARG B 507 0.62 -39.55 -14.59
CA ARG B 507 -0.46 -38.58 -14.35
C ARG B 507 -1.21 -38.67 -13.02
N MET B 508 -1.05 -37.65 -12.18
CA MET B 508 -1.72 -37.57 -10.88
C MET B 508 -1.15 -38.50 -9.83
N ARG B 509 -0.17 -39.30 -10.22
CA ARG B 509 0.42 -40.26 -9.29
C ARG B 509 1.40 -39.70 -8.27
N VAL B 510 1.34 -40.27 -7.07
CA VAL B 510 2.24 -39.94 -5.99
C VAL B 510 2.68 -41.32 -5.57
N VAL B 511 3.85 -41.71 -6.07
CA VAL B 511 4.40 -43.02 -5.82
C VAL B 511 5.05 -43.06 -4.43
N VAL B 512 4.52 -43.95 -3.60
CA VAL B 512 4.99 -44.11 -2.23
C VAL B 512 5.85 -45.34 -1.92
N ASN B 513 6.54 -45.23 -0.80
CA ASN B 513 7.45 -46.23 -0.23
C ASN B 513 6.81 -47.59 -0.06
N LYS B 514 7.64 -48.60 0.13
CA LYS B 514 7.18 -49.97 0.34
C LYS B 514 6.60 -50.03 1.74
N GLU B 515 7.19 -49.23 2.61
CA GLU B 515 6.80 -49.14 4.02
C GLU B 515 5.45 -48.43 4.18
N ALA B 516 5.24 -47.38 3.40
CA ALA B 516 4.01 -46.58 3.46
C ALA B 516 2.80 -47.18 2.77
N GLU B 517 3.04 -48.14 1.88
CA GLU B 517 1.95 -48.77 1.14
C GLU B 517 0.75 -49.19 1.99
N PRO B 518 1.00 -49.87 3.12
CA PRO B 518 -0.08 -50.32 4.00
C PRO B 518 -0.98 -49.20 4.49
N PHE B 519 -0.37 -48.17 5.07
CA PHE B 519 -1.11 -47.02 5.58
C PHE B 519 -2.00 -46.37 4.53
N ALA B 520 -1.44 -46.04 3.38
CA ALA B 520 -2.23 -45.42 2.30
C ALA B 520 -3.37 -46.35 1.89
N ARG B 521 -3.17 -47.65 2.07
CA ARG B 521 -4.20 -48.64 1.74
C ARG B 521 -5.44 -48.38 2.58
N LYS B 522 -5.22 -48.07 3.87
CA LYS B 522 -6.32 -47.75 4.77
C LYS B 522 -6.84 -46.35 4.43
N GLY B 523 -6.06 -45.34 4.81
CA GLY B 523 -6.43 -43.97 4.55
C GLY B 523 -5.48 -42.99 5.20
N LYS B 524 -4.49 -43.50 5.92
CA LYS B 524 -3.52 -42.63 6.57
C LYS B 524 -2.89 -41.70 5.55
N ASP B 525 -2.48 -40.51 6.01
CA ASP B 525 -1.88 -39.53 5.12
C ASP B 525 -0.46 -39.91 4.68
N VAL B 526 -0.10 -39.48 3.48
CA VAL B 526 1.21 -39.77 2.93
C VAL B 526 2.20 -38.69 3.34
N PHE B 527 3.32 -39.09 3.93
CA PHE B 527 4.34 -38.14 4.34
C PHE B 527 5.44 -38.01 3.30
N ALA B 528 5.71 -36.77 2.91
CA ALA B 528 6.73 -36.47 1.92
C ALA B 528 7.94 -37.39 1.93
N LYS B 529 8.39 -37.80 3.12
CA LYS B 529 9.57 -38.65 3.17
C LYS B 529 9.37 -40.07 2.65
N PHE B 530 8.12 -40.51 2.51
CA PHE B 530 7.84 -41.85 2.02
C PHE B 530 7.55 -41.81 0.52
N VAL B 531 7.60 -40.61 -0.06
CA VAL B 531 7.34 -40.47 -1.48
C VAL B 531 8.63 -40.61 -2.26
N ILE B 532 8.68 -41.61 -3.15
CA ILE B 532 9.88 -41.81 -3.94
C ILE B 532 9.78 -40.99 -5.23
N PHE B 533 8.56 -40.77 -5.70
CA PHE B 533 8.36 -40.01 -6.93
C PHE B 533 6.91 -39.59 -7.20
N ALA B 534 6.74 -38.39 -7.75
CA ALA B 534 5.39 -37.91 -8.05
C ALA B 534 5.30 -37.11 -9.34
N ASP B 535 4.12 -37.11 -9.92
CA ASP B 535 3.82 -36.38 -11.16
C ASP B 535 4.25 -34.91 -11.02
N PRO B 536 5.20 -34.44 -11.86
CA PRO B 536 5.72 -33.07 -11.87
C PRO B 536 4.62 -32.06 -12.11
N GLY B 537 3.56 -32.52 -12.77
CA GLY B 537 2.43 -31.67 -13.06
C GLY B 537 1.60 -31.36 -11.84
N ILE B 538 1.72 -32.20 -10.81
CA ILE B 538 0.95 -31.99 -9.59
C ILE B 538 1.27 -30.64 -8.99
N ARG B 539 0.21 -29.98 -8.54
CA ARG B 539 0.31 -28.67 -7.93
C ARG B 539 -0.38 -28.73 -6.59
N PRO B 540 -0.03 -27.81 -5.69
CA PRO B 540 -0.63 -27.79 -4.35
C PRO B 540 -2.15 -27.85 -4.38
N TYR B 541 -2.71 -28.75 -3.59
CA TYR B 541 -4.17 -28.92 -3.48
C TYR B 541 -4.85 -29.61 -4.67
N ASP B 542 -4.08 -30.09 -5.64
CA ASP B 542 -4.66 -30.80 -6.75
C ASP B 542 -5.18 -32.13 -6.20
N GLU B 543 -6.07 -32.79 -6.94
CA GLU B 543 -6.56 -34.09 -6.52
C GLU B 543 -5.44 -35.04 -6.97
N VAL B 544 -5.04 -35.95 -6.09
CA VAL B 544 -3.95 -36.84 -6.42
C VAL B 544 -4.24 -38.34 -6.17
N LEU B 545 -3.60 -39.20 -6.96
CA LEU B 545 -3.75 -40.66 -6.85
C LEU B 545 -2.57 -41.32 -6.15
N VAL B 546 -2.78 -41.77 -4.91
CA VAL B 546 -1.70 -42.42 -4.17
C VAL B 546 -1.48 -43.81 -4.75
N VAL B 547 -0.23 -44.18 -4.96
CA VAL B 547 0.05 -45.46 -5.58
C VAL B 547 1.46 -45.98 -5.28
N ASN B 548 1.67 -47.29 -5.47
CA ASN B 548 2.98 -47.92 -5.25
C ASN B 548 3.82 -47.97 -6.54
N GLU B 549 5.03 -48.54 -6.44
CA GLU B 549 5.91 -48.62 -7.60
C GLU B 549 5.36 -49.39 -8.78
N ASN B 550 4.36 -50.24 -8.53
CA ASN B 550 3.74 -51.02 -9.60
C ASN B 550 2.60 -50.23 -10.24
N ASP B 551 2.31 -49.09 -9.65
CA ASP B 551 1.22 -48.21 -10.11
C ASP B 551 -0.12 -48.82 -9.74
N GLU B 552 -0.20 -49.34 -8.53
CA GLU B 552 -1.45 -49.91 -8.05
C GLU B 552 -2.07 -48.88 -7.11
N LEU B 553 -3.29 -48.47 -7.43
CA LEU B 553 -3.99 -47.50 -6.62
C LEU B 553 -4.10 -47.91 -5.15
N LEU B 554 -3.57 -47.08 -4.25
CA LEU B 554 -3.61 -47.37 -2.82
C LEU B 554 -4.69 -46.54 -2.12
N ALA B 555 -4.88 -45.30 -2.60
CA ALA B 555 -5.87 -44.36 -2.03
C ALA B 555 -5.83 -42.99 -2.75
N THR B 556 -6.88 -42.19 -2.54
CA THR B 556 -6.99 -40.86 -3.16
C THR B 556 -6.90 -39.77 -2.10
N GLY B 557 -6.31 -38.63 -2.47
CA GLY B 557 -6.20 -37.55 -1.51
C GLY B 557 -5.97 -36.21 -2.19
N GLN B 558 -5.47 -35.27 -1.39
CA GLN B 558 -5.18 -33.94 -1.91
C GLN B 558 -3.74 -33.59 -1.59
N ALA B 559 -3.02 -33.09 -2.58
CA ALA B 559 -1.63 -32.74 -2.40
C ALA B 559 -1.45 -31.46 -1.59
N LEU B 560 -0.43 -31.43 -0.75
CA LEU B 560 -0.14 -30.23 0.06
C LEU B 560 1.20 -29.64 -0.42
N LEU B 561 1.78 -30.27 -1.43
CA LEU B 561 3.04 -29.84 -2.02
C LEU B 561 2.90 -30.06 -3.52
N SER B 562 3.83 -29.51 -4.29
CA SER B 562 3.80 -29.70 -5.74
C SER B 562 4.55 -31.01 -5.98
N GLY B 563 4.28 -31.66 -7.11
CA GLY B 563 4.97 -32.90 -7.40
C GLY B 563 6.44 -32.83 -6.99
N ARG B 564 7.19 -31.97 -7.67
CA ARG B 564 8.61 -31.79 -7.41
C ARG B 564 8.94 -31.73 -5.91
N GLU B 565 8.14 -31.02 -5.14
CA GLU B 565 8.38 -30.89 -3.71
C GLU B 565 8.17 -32.16 -2.91
N MET B 566 7.10 -32.89 -3.21
CA MET B 566 6.80 -34.15 -2.51
C MET B 566 8.04 -35.04 -2.50
N ILE B 567 8.74 -35.03 -3.62
CA ILE B 567 9.92 -35.84 -3.76
C ILE B 567 11.05 -35.42 -2.82
N VAL B 568 11.54 -34.18 -2.95
CA VAL B 568 12.63 -33.72 -2.11
C VAL B 568 12.37 -33.59 -0.60
N PHE B 569 11.14 -33.26 -0.22
CA PHE B 569 10.83 -33.11 1.20
C PHE B 569 10.91 -34.36 2.06
N GLN B 570 11.54 -34.21 3.21
CA GLN B 570 11.70 -35.29 4.17
C GLN B 570 10.89 -35.05 5.42
N TYR B 571 10.31 -33.86 5.54
CA TYR B 571 9.49 -33.52 6.69
C TYR B 571 8.12 -33.03 6.27
N GLY B 572 7.09 -33.47 6.98
CA GLY B 572 5.73 -33.03 6.67
C GLY B 572 4.88 -33.93 5.80
N ARG B 573 3.58 -33.63 5.75
CA ARG B 573 2.63 -34.39 4.95
C ARG B 573 2.77 -34.01 3.48
N ALA B 574 2.42 -34.94 2.58
CA ALA B 574 2.52 -34.69 1.16
C ALA B 574 1.14 -34.77 0.54
N VAL B 575 0.34 -35.68 1.07
CA VAL B 575 -1.01 -35.89 0.60
C VAL B 575 -1.95 -36.17 1.76
N LYS B 576 -2.99 -35.35 1.88
CA LYS B 576 -3.99 -35.55 2.92
C LYS B 576 -4.90 -36.57 2.27
N VAL B 577 -4.71 -37.84 2.62
CA VAL B 577 -5.49 -38.91 2.02
C VAL B 577 -6.96 -38.86 2.38
N ARG B 578 -7.80 -38.79 1.36
CA ARG B 578 -9.23 -38.76 1.55
C ARG B 578 -9.62 -40.15 2.05
N LYS B 579 -9.56 -41.15 1.17
CA LYS B 579 -9.90 -42.51 1.57
C LYS B 579 -9.07 -43.56 0.82
N GLY B 580 -8.90 -44.72 1.44
CA GLY B 580 -8.12 -45.79 0.84
C GLY B 580 -8.86 -46.75 -0.08
N VAL B 581 -8.11 -47.69 -0.66
CA VAL B 581 -8.66 -48.69 -1.57
C VAL B 581 -9.01 -49.93 -0.75
N GLU B 582 -8.35 -50.07 0.39
CA GLU B 582 -8.56 -51.21 1.26
C GLU B 582 -9.82 -51.08 2.11
#